data_8QFT
#
_entry.id   8QFT
#
_cell.length_a   174.106
_cell.length_b   174.106
_cell.length_c   138.023
_cell.angle_alpha   90.000
_cell.angle_beta   90.000
_cell.angle_gamma   120.000
#
_symmetry.space_group_name_H-M   'P 31 2 1'
#
_entity_poly.entity_id   1
_entity_poly.type   'polypeptide(L)'
_entity_poly.pdbx_seq_one_letter_code
;MDINDKLSIDSPIDNKNIIEFITFRTDTSGIQKKIKAYQIAKHIWVVPERYYAEPLNISDEYKIDGGIYNENYLTTDKER
QEYLDAICILFKRINNVIEGKKLLSLLSSASPFPFKDDTNKYLLKEALLYVNEENFEFKFFTSNIILFGPGTNISKNQVL
PLNGDDATSGVGSVSEICYNPFFTKKFGEYSLDPVIGLIECLLKSLYNLYGIKVSDDIKIPYKLQRALNTDKYSYINLEE
ALIFGGNDYKIFTEKPYWLSNDYFLKSLNTFEENKAKYEKDLKNDPNLNNELNQYLQQKYSFSISKIWSLNLTAFADIFN
INIPTSFLASITFWDRSQYYKINYPNDYNIDGFVNGQWNTNLKNIEKDNNFIIFDKPKQIITYINDIFNLRYTSNLYEDN
LDIESNNYYLNFMFEYDKGNNFTINQYKALLDTLDNDFIDSLPPIQGMNAQNKLTSLPIISKGTDTENINSELLLPIHYL
KSQTYNLDMYSSIKFTTNIYEVVSEKNSELVYTFLPHINEIMENYSINNTIKTEEEFYNWMENLFINYSIDILEKRNSII
PGITAVLPWIGKALNILNTNNDFEEELQLSGIKGLIKEYENFIIPDMIVPDIPLDNMPRTYDDIDKKLSEIYTKNKFLFL
KGYYFIVQEWWTTYYIQFIELKYLCSGAINKQQQLLITVLEKQLFYFTNNGLFPFDAMERMINEFNRSIDIFSRISQQAL
NNVDIFINECALFIFNNEVYPLFLNNVENNINKANDNVLNYINKATSLTEEQIKELTVKYTFSSIAEVEFFNESYFKKIT
NMDIKNILTNIKNINNLILSGSQINDDITIFDESGNNLNIKFDPSIRIVDGHTNVAFKLDKSSQYINIPTENINFSFMES
FSIDFWLKILDSTESTTLLNCIEDDIGWKLSIQNNNLLWEMKDNLGNNFTSLFTFNINNIWHNITLSIDRLTNTFNCFLD
GKLINTDNISNIFSLETNTPIEIQSDNGAILLEAFSILNYPLQQQEVLNRYREAFSNNYTRNYYGDILKYNENYQLYNKT
SPDKEVKKVFTNDKDYIAIEYNQNTNNPTFFSLIQKEQSKIYVEENDEVYICVQGDPLNYITIDNNQAVLTKDINLATSF
KLKTNLNKPNSLIFSENSQALRLSNRLNDENYILLDLVSKLDDEPLNIFYWEFI
;
_entity_poly.pdbx_strand_id   A
#
# COMPACT_ATOMS: atom_id res chain seq x y z
N MET A 1 -30.07 1.21 20.38
CA MET A 1 -28.59 1.15 20.53
C MET A 1 -28.04 -0.04 19.75
N ASP A 2 -26.92 0.17 19.04
CA ASP A 2 -26.33 -0.86 18.19
C ASP A 2 -25.44 -1.78 19.04
N ILE A 3 -24.47 -2.44 18.39
CA ILE A 3 -23.59 -3.44 18.99
C ILE A 3 -24.39 -4.33 19.93
N ASN A 4 -25.58 -4.76 19.49
CA ASN A 4 -26.44 -5.61 20.29
C ASN A 4 -25.66 -6.83 20.77
N ASP A 5 -25.19 -7.65 19.83
CA ASP A 5 -24.34 -8.81 20.12
C ASP A 5 -24.93 -9.64 21.26
N LYS A 6 -26.03 -10.35 20.99
CA LYS A 6 -26.64 -11.21 22.00
C LYS A 6 -25.57 -12.13 22.61
N LEU A 7 -24.60 -12.54 21.79
CA LEU A 7 -23.49 -13.38 22.25
C LEU A 7 -24.04 -14.70 22.81
N SER A 8 -25.23 -15.11 22.33
CA SER A 8 -25.93 -16.27 22.85
C SER A 8 -25.18 -17.56 22.51
N ILE A 9 -25.30 -18.56 23.39
CA ILE A 9 -24.55 -19.80 23.31
C ILE A 9 -25.53 -20.96 23.45
N ASP A 10 -25.40 -21.97 22.58
CA ASP A 10 -26.16 -23.20 22.70
C ASP A 10 -27.65 -22.85 22.57
N SER A 11 -28.47 -23.46 23.44
CA SER A 11 -29.89 -23.22 23.50
C SER A 11 -30.29 -23.05 24.95
N PRO A 12 -30.02 -21.88 25.58
CA PRO A 12 -30.38 -21.65 26.98
C PRO A 12 -31.91 -21.63 27.14
N ILE A 13 -32.57 -20.83 26.30
CA ILE A 13 -34.02 -20.75 26.25
C ILE A 13 -34.45 -20.70 24.78
N ASP A 14 -35.75 -20.84 24.52
CA ASP A 14 -36.33 -20.62 23.20
C ASP A 14 -37.51 -19.65 23.35
N ASN A 15 -37.27 -18.52 24.03
CA ASN A 15 -38.31 -17.58 24.38
C ASN A 15 -37.94 -16.18 23.91
N LYS A 16 -38.94 -15.29 23.90
CA LYS A 16 -38.81 -13.89 23.52
C LYS A 16 -38.01 -13.77 22.22
N ASN A 17 -36.91 -13.02 22.22
CA ASN A 17 -36.10 -12.78 21.03
C ASN A 17 -35.58 -14.08 20.43
N ILE A 18 -35.48 -15.13 21.26
CA ILE A 18 -35.14 -16.46 20.76
C ILE A 18 -36.44 -17.14 20.35
N ILE A 19 -36.57 -17.48 19.05
CA ILE A 19 -37.80 -18.07 18.52
C ILE A 19 -37.48 -19.33 17.72
N GLU A 20 -38.52 -20.11 17.44
CA GLU A 20 -38.46 -21.30 16.60
C GLU A 20 -39.54 -21.19 15.52
N PHE A 21 -39.12 -21.10 14.25
CA PHE A 21 -40.03 -20.82 13.16
C PHE A 21 -40.07 -22.01 12.19
N ILE A 22 -40.98 -21.94 11.21
CA ILE A 22 -41.09 -22.94 10.16
C ILE A 22 -40.36 -22.41 8.93
N THR A 23 -39.58 -23.29 8.28
CA THR A 23 -38.80 -22.91 7.11
C THR A 23 -39.71 -22.43 6.00
N PHE A 24 -39.27 -21.41 5.25
CA PHE A 24 -40.07 -20.78 4.21
C PHE A 24 -40.36 -21.79 3.10
N ARG A 25 -39.30 -22.28 2.45
CA ARG A 25 -39.43 -23.28 1.40
C ARG A 25 -39.29 -24.67 2.01
N THR A 26 -39.35 -25.68 1.16
CA THR A 26 -39.33 -27.07 1.60
C THR A 26 -37.90 -27.60 1.60
N ASP A 27 -37.61 -28.45 2.58
CA ASP A 27 -36.37 -29.21 2.69
C ASP A 27 -36.23 -30.15 1.49
N THR A 28 -35.04 -30.75 1.35
CA THR A 28 -34.70 -31.63 0.24
C THR A 28 -35.63 -32.85 0.21
N SER A 29 -36.16 -33.21 1.39
CA SER A 29 -37.13 -34.27 1.52
C SER A 29 -38.46 -33.87 0.87
N GLY A 30 -38.64 -32.57 0.63
CA GLY A 30 -39.86 -32.04 0.03
C GLY A 30 -40.81 -31.50 1.08
N ILE A 31 -40.33 -31.34 2.32
CA ILE A 31 -41.16 -30.90 3.43
C ILE A 31 -40.54 -29.69 4.13
N GLN A 32 -41.41 -28.83 4.69
CA GLN A 32 -40.97 -27.78 5.58
C GLN A 32 -40.76 -28.38 6.96
N LYS A 33 -39.58 -28.14 7.56
CA LYS A 33 -39.30 -28.57 8.92
C LYS A 33 -39.14 -27.33 9.81
N LYS A 34 -39.56 -27.46 11.08
CA LYS A 34 -39.39 -26.40 12.07
C LYS A 34 -37.90 -26.31 12.43
N ILE A 35 -37.43 -25.09 12.69
CA ILE A 35 -36.04 -24.84 13.05
C ILE A 35 -36.01 -23.60 13.94
N LYS A 36 -34.91 -23.40 14.66
CA LYS A 36 -34.77 -22.25 15.54
C LYS A 36 -33.64 -21.34 15.04
N ALA A 37 -33.81 -20.04 15.29
CA ALA A 37 -32.84 -19.02 14.93
C ALA A 37 -32.59 -18.10 16.13
N TYR A 38 -31.49 -17.34 16.06
CA TYR A 38 -31.15 -16.38 17.10
C TYR A 38 -31.02 -14.99 16.48
N GLN A 39 -31.52 -13.97 17.20
CA GLN A 39 -31.49 -12.60 16.72
C GLN A 39 -30.16 -11.96 17.14
N ILE A 40 -29.22 -11.86 16.20
CA ILE A 40 -27.94 -11.20 16.47
C ILE A 40 -28.18 -9.71 16.68
N ALA A 41 -28.93 -9.06 15.77
CA ALA A 41 -29.20 -7.63 15.89
C ALA A 41 -30.66 -7.35 15.53
N LYS A 42 -31.05 -6.06 15.62
CA LYS A 42 -32.40 -5.63 15.32
C LYS A 42 -32.75 -6.06 13.89
N HIS A 43 -33.74 -6.96 13.77
CA HIS A 43 -34.25 -7.45 12.50
C HIS A 43 -33.21 -8.29 11.75
N ILE A 44 -32.19 -8.81 12.46
CA ILE A 44 -31.15 -9.61 11.85
C ILE A 44 -31.05 -10.94 12.60
N TRP A 45 -31.11 -12.05 11.86
CA TRP A 45 -31.17 -13.38 12.46
C TRP A 45 -30.09 -14.28 11.88
N VAL A 46 -29.68 -15.27 12.70
CA VAL A 46 -28.75 -16.30 12.29
C VAL A 46 -29.31 -17.66 12.66
N VAL A 47 -28.96 -18.67 11.86
CA VAL A 47 -29.35 -20.04 12.13
C VAL A 47 -28.17 -20.92 11.76
N PRO A 48 -27.46 -21.50 12.77
CA PRO A 48 -26.23 -22.24 12.52
C PRO A 48 -26.46 -23.65 11.97
N GLU A 49 -27.33 -23.77 10.96
CA GLU A 49 -27.57 -25.02 10.29
C GLU A 49 -27.29 -24.84 8.81
N ARG A 50 -26.87 -25.94 8.15
CA ARG A 50 -26.69 -25.96 6.72
C ARG A 50 -28.03 -25.59 6.06
N TYR A 51 -27.98 -25.03 4.86
CA TYR A 51 -29.18 -24.57 4.18
C TYR A 51 -30.13 -25.76 3.99
N TYR A 52 -31.38 -25.58 4.44
CA TYR A 52 -32.36 -26.65 4.42
C TYR A 52 -32.67 -27.01 2.97
N ALA A 53 -32.77 -25.97 2.12
CA ALA A 53 -33.17 -26.15 0.74
C ALA A 53 -32.12 -26.96 -0.02
N GLU A 54 -30.85 -26.57 0.13
CA GLU A 54 -29.80 -27.21 -0.64
C GLU A 54 -29.48 -28.58 -0.03
N PRO A 55 -29.14 -29.57 -0.88
CA PRO A 55 -28.85 -30.92 -0.41
C PRO A 55 -27.61 -30.96 0.47
N LEU A 56 -27.54 -31.98 1.33
CA LEU A 56 -26.38 -32.16 2.19
C LEU A 56 -25.22 -32.70 1.37
N ASN A 57 -25.53 -33.29 0.22
CA ASN A 57 -24.53 -33.83 -0.68
C ASN A 57 -25.13 -33.86 -2.08
N ILE A 58 -24.28 -33.82 -3.11
CA ILE A 58 -24.72 -33.91 -4.49
C ILE A 58 -23.83 -34.92 -5.22
N SER A 59 -24.25 -35.29 -6.43
CA SER A 59 -23.47 -36.21 -7.24
C SER A 59 -22.20 -35.53 -7.72
N ASP A 60 -21.26 -36.34 -8.21
CA ASP A 60 -19.98 -35.85 -8.67
C ASP A 60 -20.16 -34.98 -9.91
N GLU A 61 -21.25 -35.23 -10.66
CA GLU A 61 -21.56 -34.48 -11.88
C GLU A 61 -21.89 -33.02 -11.56
N TYR A 62 -22.49 -32.77 -10.39
CA TYR A 62 -23.01 -31.46 -10.05
C TYR A 62 -22.01 -30.64 -9.23
N LYS A 63 -20.81 -31.19 -8.99
CA LYS A 63 -19.82 -30.52 -8.15
C LYS A 63 -19.09 -29.44 -8.96
N ILE A 64 -18.82 -28.29 -8.31
CA ILE A 64 -18.13 -27.17 -8.92
C ILE A 64 -16.65 -27.22 -8.54
N ASP A 65 -15.80 -26.71 -9.44
CA ASP A 65 -14.37 -26.61 -9.19
C ASP A 65 -14.15 -25.73 -7.97
N GLY A 66 -13.74 -26.36 -6.86
CA GLY A 66 -13.38 -25.63 -5.65
C GLY A 66 -14.51 -25.61 -4.63
N GLY A 67 -15.31 -26.66 -4.61
CA GLY A 67 -16.28 -26.86 -3.56
C GLY A 67 -15.76 -27.78 -2.48
N ILE A 68 -16.58 -28.01 -1.44
CA ILE A 68 -16.22 -28.89 -0.35
C ILE A 68 -17.20 -30.06 -0.30
N TYR A 69 -18.49 -29.74 -0.18
CA TYR A 69 -19.58 -30.70 -0.34
C TYR A 69 -19.61 -31.76 0.75
N ASN A 70 -18.86 -31.56 1.84
CA ASN A 70 -18.84 -32.54 2.92
C ASN A 70 -20.19 -32.50 3.64
N GLU A 71 -20.80 -33.69 3.81
CA GLU A 71 -22.15 -33.80 4.34
C GLU A 71 -22.13 -33.80 5.87
N ASN A 72 -21.07 -34.37 6.47
CA ASN A 72 -20.96 -34.47 7.91
C ASN A 72 -20.36 -33.18 8.47
N TYR A 73 -20.98 -32.05 8.13
CA TYR A 73 -20.48 -30.74 8.52
C TYR A 73 -21.63 -29.91 9.08
N LEU A 74 -21.36 -29.23 10.20
CA LEU A 74 -22.38 -28.42 10.87
C LEU A 74 -23.60 -29.28 11.16
N THR A 75 -23.33 -30.50 11.66
CA THR A 75 -24.36 -31.46 12.02
C THR A 75 -24.18 -31.87 13.47
N THR A 76 -23.75 -30.92 14.31
CA THR A 76 -23.61 -31.16 15.74
C THR A 76 -23.72 -29.83 16.46
N ASP A 77 -24.04 -29.89 17.75
CA ASP A 77 -24.34 -28.71 18.53
C ASP A 77 -23.07 -27.86 18.69
N LYS A 78 -21.90 -28.52 18.78
CA LYS A 78 -20.65 -27.81 19.00
C LYS A 78 -20.26 -27.04 17.73
N GLU A 79 -20.50 -27.64 16.56
CA GLU A 79 -20.29 -26.94 15.31
C GLU A 79 -21.25 -25.75 15.21
N ARG A 80 -22.50 -25.95 15.66
CA ARG A 80 -23.50 -24.90 15.64
C ARG A 80 -23.08 -23.76 16.57
N GLN A 81 -22.48 -24.11 17.71
CA GLN A 81 -21.96 -23.15 18.66
C GLN A 81 -20.75 -22.42 18.07
N GLU A 82 -19.87 -23.16 17.40
CA GLU A 82 -18.68 -22.60 16.77
C GLU A 82 -19.11 -21.55 15.74
N TYR A 83 -20.14 -21.87 14.95
CA TYR A 83 -20.65 -20.97 13.94
C TYR A 83 -21.26 -19.74 14.59
N LEU A 84 -22.03 -19.95 15.66
CA LEU A 84 -22.66 -18.85 16.40
C LEU A 84 -21.59 -17.87 16.88
N ASP A 85 -20.54 -18.43 17.49
CA ASP A 85 -19.43 -17.65 18.01
C ASP A 85 -18.75 -16.92 16.85
N ALA A 86 -18.64 -17.60 15.70
CA ALA A 86 -18.00 -17.05 14.51
C ALA A 86 -18.80 -15.85 13.99
N ILE A 87 -20.11 -15.82 14.24
CA ILE A 87 -20.95 -14.77 13.69
C ILE A 87 -20.84 -13.50 14.52
N CYS A 88 -20.99 -13.64 15.85
CA CYS A 88 -20.93 -12.47 16.72
C CYS A 88 -19.55 -11.82 16.63
N ILE A 89 -18.50 -12.65 16.49
CA ILE A 89 -17.14 -12.17 16.27
C ILE A 89 -17.10 -11.28 15.02
N LEU A 90 -17.70 -11.75 13.92
CA LEU A 90 -17.68 -11.02 12.66
C LEU A 90 -18.55 -9.77 12.76
N PHE A 91 -19.68 -9.86 13.47
CA PHE A 91 -20.59 -8.73 13.57
C PHE A 91 -20.04 -7.68 14.53
N LYS A 92 -19.33 -8.11 15.58
CA LYS A 92 -18.62 -7.17 16.44
C LYS A 92 -17.56 -6.41 15.64
N ARG A 93 -16.84 -7.15 14.77
CA ARG A 93 -15.80 -6.56 13.94
C ARG A 93 -16.42 -5.59 12.94
N ILE A 94 -17.62 -5.90 12.45
CA ILE A 94 -18.35 -4.98 11.59
C ILE A 94 -18.75 -3.74 12.39
N ASN A 95 -19.20 -3.93 13.64
CA ASN A 95 -19.58 -2.83 14.51
C ASN A 95 -18.36 -2.07 15.05
N ASN A 96 -17.15 -2.61 14.87
CA ASN A 96 -15.92 -2.00 15.38
C ASN A 96 -15.71 -0.61 14.76
N VAL A 97 -15.79 -0.49 13.43
CA VAL A 97 -15.58 0.78 12.75
C VAL A 97 -16.91 1.51 12.61
N ILE A 98 -16.82 2.82 12.32
CA ILE A 98 -17.99 3.68 12.24
C ILE A 98 -18.84 3.31 11.03
N GLU A 99 -18.21 3.11 9.87
CA GLU A 99 -18.96 2.81 8.65
C GLU A 99 -19.71 1.49 8.78
N GLY A 100 -19.10 0.49 9.41
CA GLY A 100 -19.70 -0.82 9.56
C GLY A 100 -21.00 -0.78 10.35
N LYS A 101 -21.01 -0.01 11.43
CA LYS A 101 -22.19 0.09 12.28
C LYS A 101 -23.25 0.99 11.63
N LYS A 102 -22.85 1.79 10.63
CA LYS A 102 -23.78 2.60 9.85
C LYS A 102 -24.56 1.73 8.86
N LEU A 103 -23.88 0.74 8.29
CA LEU A 103 -24.50 -0.26 7.44
C LEU A 103 -25.49 -1.11 8.24
N LEU A 104 -25.11 -1.57 9.43
CA LEU A 104 -25.97 -2.42 10.24
C LEU A 104 -27.19 -1.64 10.71
N SER A 105 -27.02 -0.34 10.98
CA SER A 105 -28.14 0.52 11.33
C SER A 105 -29.11 0.64 10.14
N LEU A 106 -28.56 0.82 8.94
CA LEU A 106 -29.35 0.91 7.73
C LEU A 106 -30.12 -0.39 7.51
N LEU A 107 -29.44 -1.54 7.71
CA LEU A 107 -30.05 -2.85 7.48
C LEU A 107 -31.23 -3.07 8.44
N SER A 108 -31.13 -2.55 9.66
CA SER A 108 -32.15 -2.76 10.67
C SER A 108 -33.46 -2.05 10.30
N SER A 109 -33.37 -0.97 9.51
CA SER A 109 -34.53 -0.21 9.13
C SER A 109 -34.75 -0.24 7.62
N ALA A 110 -34.22 -1.27 6.95
CA ALA A 110 -34.32 -1.37 5.50
C ALA A 110 -35.41 -2.38 5.12
N SER A 111 -36.50 -2.39 5.89
CA SER A 111 -37.61 -3.29 5.63
C SER A 111 -38.21 -2.95 4.27
N PRO A 112 -38.48 -3.96 3.39
CA PRO A 112 -39.13 -3.70 2.11
C PRO A 112 -40.53 -3.13 2.28
N PHE A 113 -41.16 -2.71 1.18
CA PHE A 113 -42.44 -2.01 1.23
C PHE A 113 -43.49 -2.91 1.90
N PRO A 114 -43.98 -2.55 3.12
CA PRO A 114 -44.91 -3.41 3.84
C PRO A 114 -46.38 -3.23 3.44
N PHE A 115 -46.68 -3.46 2.15
CA PHE A 115 -48.00 -3.19 1.60
C PHE A 115 -49.02 -4.15 2.18
N LYS A 116 -50.25 -3.65 2.46
CA LYS A 116 -51.25 -4.41 3.21
C LYS A 116 -52.66 -3.84 3.00
N ASP A 117 -53.67 -4.71 3.11
CA ASP A 117 -55.07 -4.29 3.26
C ASP A 117 -55.41 -4.17 4.75
N ASP A 118 -54.60 -3.38 5.46
CA ASP A 118 -54.83 -3.07 6.87
C ASP A 118 -54.47 -4.24 7.77
N THR A 119 -53.68 -5.21 7.25
CA THR A 119 -53.46 -6.46 7.96
C THR A 119 -51.96 -6.70 8.20
N ASN A 120 -51.17 -6.89 7.12
CA ASN A 120 -49.87 -7.54 7.22
C ASN A 120 -48.72 -6.64 6.78
N LYS A 121 -47.55 -7.26 6.52
CA LYS A 121 -46.38 -6.59 5.98
C LYS A 121 -45.78 -7.49 4.89
N TYR A 122 -44.53 -7.24 4.50
CA TYR A 122 -43.85 -8.07 3.51
C TYR A 122 -43.46 -9.41 4.14
N LEU A 123 -42.76 -10.25 3.36
CA LEU A 123 -42.50 -11.64 3.72
C LEU A 123 -41.71 -11.74 5.02
N LEU A 124 -41.92 -12.85 5.73
CA LEU A 124 -41.42 -13.05 7.08
C LEU A 124 -41.75 -14.47 7.56
N LYS A 125 -40.96 -14.96 8.52
CA LYS A 125 -41.18 -16.27 9.13
C LYS A 125 -42.30 -16.18 10.16
N GLU A 126 -42.76 -17.35 10.62
CA GLU A 126 -43.85 -17.45 11.58
C GLU A 126 -43.31 -17.69 12.99
N ALA A 127 -43.93 -17.05 13.99
CA ALA A 127 -43.70 -17.38 15.38
C ALA A 127 -44.24 -18.79 15.68
N LEU A 128 -43.65 -19.47 16.66
CA LEU A 128 -44.18 -20.73 17.14
C LEU A 128 -45.63 -20.50 17.59
N LEU A 129 -46.55 -21.36 17.14
CA LEU A 129 -47.97 -21.20 17.44
C LEU A 129 -48.26 -21.72 18.85
N TYR A 130 -47.20 -22.15 19.55
CA TYR A 130 -47.27 -23.02 20.71
C TYR A 130 -47.88 -24.35 20.32
N VAL A 131 -47.43 -24.88 19.16
CA VAL A 131 -47.86 -26.17 18.64
C VAL A 131 -47.35 -27.30 19.54
N ASN A 132 -46.44 -26.99 20.46
CA ASN A 132 -46.06 -27.92 21.52
C ASN A 132 -47.29 -28.36 22.31
N GLU A 133 -48.16 -27.39 22.63
CA GLU A 133 -49.44 -27.64 23.28
C GLU A 133 -50.54 -27.76 22.23
N GLU A 134 -50.15 -27.63 20.95
CA GLU A 134 -51.00 -27.61 19.76
C GLU A 134 -51.83 -26.33 19.69
N ASN A 135 -51.39 -25.29 20.40
CA ASN A 135 -52.04 -23.99 20.37
C ASN A 135 -51.80 -23.35 18.99
N PHE A 136 -52.49 -22.24 18.73
CA PHE A 136 -52.47 -21.58 17.43
C PHE A 136 -52.12 -20.10 17.56
N GLU A 137 -51.33 -19.75 18.58
CA GLU A 137 -50.96 -18.37 18.87
C GLU A 137 -50.08 -17.84 17.73
N PHE A 138 -50.60 -16.84 17.01
CA PHE A 138 -49.97 -16.30 15.81
C PHE A 138 -49.25 -15.00 16.16
N LYS A 139 -47.99 -14.90 15.71
CA LYS A 139 -47.18 -13.72 15.92
C LYS A 139 -46.12 -13.71 14.81
N PHE A 140 -45.59 -12.51 14.53
CA PHE A 140 -44.58 -12.35 13.49
C PHE A 140 -43.38 -11.60 14.06
N PHE A 141 -42.18 -12.20 13.95
CA PHE A 141 -40.93 -11.56 14.37
C PHE A 141 -40.18 -11.05 13.16
N THR A 142 -39.89 -9.74 13.16
CA THR A 142 -39.31 -9.04 12.03
C THR A 142 -37.89 -9.55 11.75
N SER A 143 -37.54 -9.64 10.47
CA SER A 143 -36.27 -10.20 10.02
C SER A 143 -35.92 -9.64 8.64
N ASN A 144 -34.99 -8.68 8.61
CA ASN A 144 -34.55 -8.05 7.37
C ASN A 144 -33.63 -9.01 6.61
N ILE A 145 -32.74 -9.70 7.34
CA ILE A 145 -31.86 -10.71 6.75
C ILE A 145 -31.85 -11.95 7.63
N ILE A 146 -31.58 -13.10 7.01
CA ILE A 146 -31.44 -14.36 7.73
C ILE A 146 -30.14 -15.00 7.26
N LEU A 147 -29.26 -15.25 8.21
CA LEU A 147 -27.97 -15.85 7.91
C LEU A 147 -28.03 -17.34 8.20
N PHE A 148 -28.00 -18.14 7.13
CA PHE A 148 -27.93 -19.58 7.25
C PHE A 148 -26.47 -20.03 7.19
N GLY A 149 -26.26 -21.33 7.44
CA GLY A 149 -24.98 -21.98 7.21
C GLY A 149 -24.76 -22.28 5.73
N PRO A 150 -23.59 -22.83 5.36
CA PRO A 150 -23.33 -23.21 3.97
C PRO A 150 -24.31 -24.28 3.51
N GLY A 151 -24.73 -24.21 2.23
CA GLY A 151 -25.64 -25.18 1.66
C GLY A 151 -24.91 -26.43 1.15
N THR A 152 -25.22 -26.82 -0.09
CA THR A 152 -24.59 -27.97 -0.72
C THR A 152 -23.11 -27.68 -0.95
N ASN A 153 -22.83 -26.46 -1.41
CA ASN A 153 -21.47 -26.02 -1.68
C ASN A 153 -21.01 -25.14 -0.53
N ILE A 154 -20.01 -25.62 0.23
CA ILE A 154 -19.56 -24.89 1.41
C ILE A 154 -18.81 -23.64 1.00
N SER A 155 -18.07 -23.73 -0.11
CA SER A 155 -17.28 -22.59 -0.58
C SER A 155 -18.18 -21.46 -1.11
N LYS A 156 -19.43 -21.77 -1.46
CA LYS A 156 -20.30 -20.79 -2.10
C LYS A 156 -21.04 -20.00 -1.02
N ASN A 157 -20.85 -18.68 -1.00
CA ASN A 157 -21.59 -17.79 -0.11
C ASN A 157 -22.53 -16.95 -0.98
N GLN A 158 -23.74 -17.46 -1.21
CA GLN A 158 -24.72 -16.83 -2.08
C GLN A 158 -25.85 -16.23 -1.24
N VAL A 159 -26.38 -15.08 -1.71
CA VAL A 159 -27.53 -14.42 -1.09
C VAL A 159 -28.74 -14.73 -1.95
N LEU A 160 -29.60 -15.61 -1.45
CA LEU A 160 -30.80 -16.04 -2.16
C LEU A 160 -31.96 -15.15 -1.73
N PRO A 161 -32.51 -14.30 -2.62
CA PRO A 161 -33.68 -13.50 -2.29
C PRO A 161 -34.91 -14.37 -2.44
N LEU A 162 -35.78 -14.37 -1.41
CA LEU A 162 -36.94 -15.26 -1.38
C LEU A 162 -37.97 -14.88 -2.45
N ASN A 163 -37.83 -13.70 -3.09
CA ASN A 163 -38.63 -13.40 -4.26
C ASN A 163 -37.94 -12.37 -5.15
N GLY A 164 -37.46 -12.84 -6.31
CA GLY A 164 -36.67 -12.04 -7.23
C GLY A 164 -37.53 -11.04 -8.00
N ASP A 165 -38.83 -11.30 -8.06
CA ASP A 165 -39.73 -10.49 -8.86
C ASP A 165 -39.88 -9.11 -8.23
N ASP A 166 -40.11 -9.08 -6.91
CA ASP A 166 -40.32 -7.84 -6.19
C ASP A 166 -38.97 -7.27 -5.71
N ALA A 167 -37.92 -8.07 -5.82
CA ALA A 167 -36.57 -7.63 -5.46
C ALA A 167 -35.95 -6.81 -6.59
N THR A 168 -36.62 -6.74 -7.75
CA THR A 168 -36.16 -5.94 -8.88
C THR A 168 -37.08 -4.76 -9.12
N SER A 169 -38.38 -4.95 -8.87
CA SER A 169 -39.37 -3.93 -9.17
C SER A 169 -39.25 -2.75 -8.21
N GLY A 170 -38.49 -2.93 -7.13
CA GLY A 170 -38.23 -1.85 -6.18
C GLY A 170 -39.03 -2.02 -4.90
N VAL A 171 -39.86 -3.08 -4.84
CA VAL A 171 -40.63 -3.36 -3.64
C VAL A 171 -39.67 -3.82 -2.54
N GLY A 172 -38.75 -4.71 -2.91
CA GLY A 172 -37.73 -5.21 -2.00
C GLY A 172 -37.94 -6.68 -1.63
N SER A 173 -37.02 -7.20 -0.82
CA SER A 173 -37.02 -8.60 -0.42
C SER A 173 -36.08 -8.82 0.77
N VAL A 174 -36.56 -9.59 1.74
CA VAL A 174 -35.79 -9.96 2.92
C VAL A 174 -35.04 -11.25 2.61
N SER A 175 -33.88 -11.10 1.96
CA SER A 175 -33.15 -12.22 1.40
C SER A 175 -32.57 -13.12 2.50
N GLU A 176 -32.34 -14.39 2.15
CA GLU A 176 -31.69 -15.36 3.03
C GLU A 176 -30.25 -15.57 2.55
N ILE A 177 -29.32 -15.61 3.51
CA ILE A 177 -27.90 -15.70 3.21
C ILE A 177 -27.36 -17.00 3.76
N CYS A 178 -26.65 -17.77 2.92
CA CYS A 178 -25.95 -18.96 3.36
C CYS A 178 -24.45 -18.73 3.21
N TYR A 179 -23.81 -18.36 4.33
CA TYR A 179 -22.41 -17.94 4.34
C TYR A 179 -21.63 -18.80 5.32
N ASN A 180 -20.42 -19.22 4.90
CA ASN A 180 -19.53 -20.01 5.74
C ASN A 180 -18.23 -19.22 5.96
N PRO A 181 -17.91 -18.86 7.22
CA PRO A 181 -16.71 -18.07 7.52
C PRO A 181 -15.41 -18.83 7.84
N PHE A 182 -15.48 -20.15 7.98
CA PHE A 182 -14.40 -20.92 8.58
C PHE A 182 -13.26 -21.12 7.59
N PHE A 183 -13.56 -21.18 6.29
CA PHE A 183 -12.56 -21.46 5.28
C PHE A 183 -12.36 -20.23 4.40
N THR A 184 -11.09 -19.86 4.15
CA THR A 184 -10.77 -18.81 3.20
C THR A 184 -9.61 -19.26 2.32
N LYS A 185 -9.45 -18.56 1.20
CA LYS A 185 -8.36 -18.80 0.26
C LYS A 185 -7.18 -17.90 0.61
N LYS A 186 -6.13 -17.94 -0.23
CA LYS A 186 -4.94 -17.13 -0.04
C LYS A 186 -4.73 -16.09 -1.15
N PHE A 187 -4.68 -16.53 -2.41
CA PHE A 187 -4.40 -15.65 -3.53
C PHE A 187 -2.90 -15.35 -3.65
N GLY A 188 -2.17 -15.52 -2.55
CA GLY A 188 -0.74 -15.32 -2.55
C GLY A 188 -0.16 -15.97 -1.31
N GLU A 189 0.75 -15.24 -0.66
CA GLU A 189 1.22 -15.61 0.66
C GLU A 189 0.47 -14.79 1.70
N TYR A 190 -0.86 -14.64 1.55
CA TYR A 190 -1.64 -14.06 2.63
C TYR A 190 -3.10 -14.51 2.52
N SER A 191 -3.79 -14.48 3.67
CA SER A 191 -5.10 -15.09 3.82
C SER A 191 -6.17 -14.03 3.60
N LEU A 192 -7.24 -14.40 2.90
CA LEU A 192 -8.27 -13.44 2.57
C LEU A 192 -9.18 -13.29 3.80
N ASP A 193 -9.58 -12.04 4.06
CA ASP A 193 -10.27 -11.70 5.29
C ASP A 193 -11.72 -12.14 5.18
N PRO A 194 -12.22 -12.99 6.09
CA PRO A 194 -13.60 -13.47 6.03
C PRO A 194 -14.68 -12.38 6.07
N VAL A 195 -14.39 -11.21 6.65
CA VAL A 195 -15.37 -10.13 6.71
C VAL A 195 -15.71 -9.66 5.30
N ILE A 196 -14.74 -9.69 4.40
CA ILE A 196 -14.97 -9.31 3.01
C ILE A 196 -16.02 -10.23 2.41
N GLY A 197 -15.93 -11.53 2.73
CA GLY A 197 -16.89 -12.52 2.26
C GLY A 197 -18.29 -12.31 2.86
N LEU A 198 -18.35 -11.76 4.07
CA LEU A 198 -19.61 -11.55 4.76
C LEU A 198 -20.18 -10.16 4.47
N ILE A 199 -19.31 -9.15 4.37
CA ILE A 199 -19.72 -7.80 4.00
C ILE A 199 -20.36 -7.84 2.62
N GLU A 200 -19.74 -8.63 1.72
CA GLU A 200 -20.19 -8.76 0.35
C GLU A 200 -21.59 -9.37 0.34
N CYS A 201 -21.83 -10.36 1.21
CA CYS A 201 -23.15 -10.95 1.37
C CYS A 201 -24.17 -9.95 1.94
N LEU A 202 -23.74 -9.04 2.82
CA LEU A 202 -24.63 -8.06 3.40
C LEU A 202 -24.99 -7.01 2.36
N LEU A 203 -24.01 -6.58 1.58
CA LEU A 203 -24.24 -5.60 0.52
C LEU A 203 -25.18 -6.18 -0.53
N LYS A 204 -25.00 -7.46 -0.86
CA LYS A 204 -25.85 -8.12 -1.84
C LYS A 204 -27.28 -8.17 -1.29
N SER A 205 -27.40 -8.42 0.02
CA SER A 205 -28.71 -8.49 0.68
C SER A 205 -29.35 -7.11 0.78
N LEU A 206 -28.53 -6.07 0.88
CA LEU A 206 -29.04 -4.72 1.00
C LEU A 206 -29.67 -4.27 -0.32
N TYR A 207 -29.10 -4.71 -1.45
CA TYR A 207 -29.69 -4.45 -2.75
C TYR A 207 -31.08 -5.11 -2.86
N ASN A 208 -31.23 -6.31 -2.28
CA ASN A 208 -32.49 -7.01 -2.29
C ASN A 208 -33.51 -6.29 -1.42
N LEU A 209 -33.07 -5.80 -0.25
CA LEU A 209 -33.95 -5.11 0.67
C LEU A 209 -34.48 -3.81 0.07
N TYR A 210 -33.64 -3.12 -0.72
CA TYR A 210 -34.05 -1.88 -1.37
C TYR A 210 -34.72 -2.14 -2.73
N GLY A 211 -34.74 -3.40 -3.17
CA GLY A 211 -35.41 -3.76 -4.40
C GLY A 211 -34.62 -3.35 -5.64
N ILE A 212 -33.35 -2.99 -5.44
CA ILE A 212 -32.47 -2.60 -6.52
C ILE A 212 -31.57 -3.78 -6.85
N LYS A 213 -32.07 -4.69 -7.69
CA LYS A 213 -31.28 -5.78 -8.22
C LYS A 213 -31.29 -5.66 -9.73
N VAL A 214 -30.24 -6.16 -10.37
CA VAL A 214 -30.02 -5.94 -11.80
C VAL A 214 -30.68 -7.06 -12.62
N SER A 215 -31.42 -7.95 -11.95
CA SER A 215 -32.25 -8.97 -12.59
C SER A 215 -31.42 -9.95 -13.41
N ASP A 216 -30.10 -9.94 -13.18
CA ASP A 216 -29.19 -10.94 -13.71
C ASP A 216 -29.01 -10.81 -15.23
N ASP A 217 -29.57 -9.75 -15.83
CA ASP A 217 -29.58 -9.62 -17.29
C ASP A 217 -28.64 -8.51 -17.74
N ILE A 218 -28.35 -7.58 -16.83
CA ILE A 218 -27.56 -6.40 -17.15
C ILE A 218 -26.11 -6.72 -16.81
N LYS A 219 -25.26 -6.86 -17.83
CA LYS A 219 -23.91 -7.38 -17.62
C LYS A 219 -22.91 -6.40 -18.23
N ILE A 220 -21.65 -6.52 -17.78
CA ILE A 220 -20.56 -5.64 -18.21
C ILE A 220 -19.39 -6.53 -18.59
N PRO A 221 -18.62 -6.21 -19.66
CA PRO A 221 -17.34 -6.89 -19.90
C PRO A 221 -16.35 -6.66 -18.77
N TYR A 222 -15.74 -7.75 -18.28
CA TYR A 222 -14.83 -7.70 -17.14
C TYR A 222 -13.41 -8.00 -17.60
N LYS A 223 -13.24 -9.12 -18.31
CA LYS A 223 -11.91 -9.56 -18.72
C LYS A 223 -12.01 -10.54 -19.90
N LEU A 224 -11.02 -10.44 -20.78
CA LEU A 224 -10.80 -11.43 -21.82
C LEU A 224 -10.66 -12.81 -21.17
N GLN A 225 -11.35 -13.81 -21.73
CA GLN A 225 -11.37 -15.14 -21.15
C GLN A 225 -9.98 -15.77 -21.19
N ARG A 226 -9.56 -16.39 -20.07
CA ARG A 226 -8.31 -17.13 -19.98
C ARG A 226 -8.50 -18.52 -20.58
N ALA A 227 -7.82 -18.73 -21.72
CA ALA A 227 -7.70 -20.02 -22.38
C ALA A 227 -6.42 -19.99 -23.23
N LEU A 228 -6.42 -20.75 -24.33
CA LEU A 228 -5.45 -20.60 -25.40
C LEU A 228 -6.19 -20.13 -26.65
N ASN A 229 -7.24 -20.88 -26.97
CA ASN A 229 -7.81 -20.87 -28.30
C ASN A 229 -9.28 -20.47 -28.22
N THR A 230 -9.58 -19.51 -27.34
CA THR A 230 -10.83 -18.76 -27.34
C THR A 230 -10.49 -17.28 -27.44
N ASP A 231 -11.37 -16.48 -28.08
CA ASP A 231 -11.18 -15.04 -28.16
C ASP A 231 -12.48 -14.35 -27.75
N LYS A 232 -13.22 -14.95 -26.81
CA LYS A 232 -14.42 -14.34 -26.23
C LYS A 232 -14.09 -13.66 -24.89
N TYR A 233 -15.06 -12.88 -24.36
CA TYR A 233 -14.93 -12.16 -23.09
C TYR A 233 -15.72 -12.86 -22.00
N SER A 234 -15.34 -12.63 -20.74
CA SER A 234 -16.08 -13.16 -19.61
C SER A 234 -16.86 -12.02 -18.94
N TYR A 235 -18.17 -11.97 -19.20
CA TYR A 235 -19.00 -10.87 -18.76
C TYR A 235 -19.36 -11.02 -17.28
N ILE A 236 -19.36 -9.91 -16.54
CA ILE A 236 -19.69 -9.88 -15.11
C ILE A 236 -21.03 -9.18 -14.93
N ASN A 237 -21.70 -9.51 -13.83
CA ASN A 237 -22.98 -8.89 -13.53
C ASN A 237 -22.70 -7.47 -13.06
N LEU A 238 -23.62 -6.55 -13.35
CA LEU A 238 -23.48 -5.16 -12.96
C LEU A 238 -23.47 -5.02 -11.43
N GLU A 239 -24.35 -5.76 -10.76
CA GLU A 239 -24.48 -5.67 -9.31
C GLU A 239 -23.17 -6.08 -8.66
N GLU A 240 -22.54 -7.15 -9.18
CA GLU A 240 -21.26 -7.65 -8.69
C GLU A 240 -20.19 -6.58 -8.91
N ALA A 241 -20.21 -5.94 -10.08
CA ALA A 241 -19.22 -4.93 -10.44
C ALA A 241 -19.32 -3.72 -9.52
N LEU A 242 -20.56 -3.34 -9.13
CA LEU A 242 -20.77 -2.21 -8.23
C LEU A 242 -20.17 -2.50 -6.86
N ILE A 243 -20.30 -3.75 -6.39
CA ILE A 243 -19.80 -4.14 -5.08
C ILE A 243 -18.30 -4.40 -5.15
N PHE A 244 -17.88 -5.36 -5.98
CA PHE A 244 -16.45 -5.67 -6.16
C PHE A 244 -15.78 -4.49 -6.87
N GLY A 245 -15.59 -3.37 -6.15
CA GLY A 245 -15.23 -2.10 -6.77
C GLY A 245 -13.85 -2.12 -7.44
N GLY A 246 -12.81 -1.96 -6.61
CA GLY A 246 -11.44 -1.98 -7.09
C GLY A 246 -11.19 -0.90 -8.14
N ASN A 247 -10.29 -1.21 -9.09
CA ASN A 247 -9.86 -0.27 -10.11
C ASN A 247 -10.70 -0.45 -11.38
N ASP A 248 -11.41 -1.57 -11.49
CA ASP A 248 -12.29 -1.82 -12.61
C ASP A 248 -13.53 -0.93 -12.51
N TYR A 249 -13.82 -0.47 -11.30
CA TYR A 249 -15.02 0.30 -11.04
C TYR A 249 -14.76 1.80 -11.23
N LYS A 250 -13.49 2.22 -11.20
CA LYS A 250 -13.13 3.63 -11.31
C LYS A 250 -13.15 4.09 -12.77
N ILE A 251 -12.98 3.14 -13.70
CA ILE A 251 -12.73 3.47 -15.10
C ILE A 251 -14.03 3.80 -15.81
N PHE A 252 -15.17 3.36 -15.23
CA PHE A 252 -16.48 3.54 -15.84
C PHE A 252 -17.36 4.46 -14.99
N THR A 253 -16.88 4.92 -13.83
CA THR A 253 -17.68 5.76 -12.96
C THR A 253 -17.01 7.11 -12.79
N GLU A 254 -16.37 7.60 -13.85
CA GLU A 254 -15.85 8.96 -13.88
C GLU A 254 -17.03 9.92 -14.02
N LYS A 255 -16.73 11.22 -14.05
CA LYS A 255 -17.75 12.25 -13.97
C LYS A 255 -18.68 12.15 -15.19
N PRO A 256 -18.19 12.03 -16.46
CA PRO A 256 -19.04 11.68 -17.60
C PRO A 256 -19.35 10.18 -17.62
N TYR A 257 -20.65 9.86 -17.56
CA TYR A 257 -21.11 8.50 -17.35
C TYR A 257 -21.26 7.79 -18.70
N TRP A 258 -21.66 6.52 -18.64
CA TRP A 258 -21.85 5.68 -19.81
C TRP A 258 -23.32 5.33 -19.91
N LEU A 259 -23.65 4.48 -20.89
CA LEU A 259 -25.00 3.96 -20.97
C LEU A 259 -25.36 3.38 -19.60
N SER A 260 -26.35 4.01 -18.97
CA SER A 260 -26.83 3.62 -17.65
C SER A 260 -27.60 2.32 -17.76
N ASN A 261 -27.87 1.88 -19.00
CA ASN A 261 -28.68 0.72 -19.29
C ASN A 261 -30.09 0.93 -18.74
N ASP A 262 -30.42 2.20 -18.45
CA ASP A 262 -31.69 2.57 -17.86
C ASP A 262 -31.76 2.14 -16.39
N TYR A 263 -30.83 1.30 -15.91
CA TYR A 263 -30.93 0.80 -14.55
C TYR A 263 -30.66 1.92 -13.55
N PHE A 264 -29.61 2.72 -13.81
CA PHE A 264 -29.26 3.79 -12.91
C PHE A 264 -30.29 4.92 -12.99
N LEU A 265 -31.20 4.84 -13.97
CA LEU A 265 -32.31 5.78 -14.08
C LEU A 265 -33.61 5.13 -13.61
N LYS A 266 -33.83 3.85 -14.00
CA LYS A 266 -35.02 3.11 -13.66
C LYS A 266 -35.14 3.00 -12.13
N SER A 267 -34.02 2.61 -11.49
CA SER A 267 -33.99 2.39 -10.05
C SER A 267 -34.17 3.71 -9.31
N LEU A 268 -33.52 4.78 -9.82
CA LEU A 268 -33.66 6.11 -9.25
C LEU A 268 -35.08 6.64 -9.47
N ASN A 269 -35.64 6.39 -10.66
CA ASN A 269 -36.99 6.85 -10.95
C ASN A 269 -37.99 6.07 -10.09
N THR A 270 -37.81 4.75 -9.98
CA THR A 270 -38.68 3.92 -9.16
C THR A 270 -38.59 4.38 -7.70
N PHE A 271 -37.41 4.87 -7.30
CA PHE A 271 -37.20 5.36 -5.94
C PHE A 271 -37.95 6.67 -5.71
N GLU A 272 -38.07 7.52 -6.75
CA GLU A 272 -38.69 8.83 -6.62
C GLU A 272 -40.15 8.70 -6.20
N GLU A 273 -40.93 7.88 -6.91
CA GLU A 273 -42.35 7.73 -6.63
C GLU A 273 -42.55 6.90 -5.37
N ASN A 274 -41.61 5.99 -5.08
CA ASN A 274 -41.67 5.19 -3.85
C ASN A 274 -41.46 6.11 -2.65
N LYS A 275 -40.61 7.12 -2.81
CA LYS A 275 -40.42 8.16 -1.81
C LYS A 275 -41.66 9.06 -1.75
N ALA A 276 -42.23 9.35 -2.91
CA ALA A 276 -43.36 10.25 -3.03
C ALA A 276 -44.58 9.67 -2.31
N LYS A 277 -44.80 8.36 -2.45
CA LYS A 277 -46.02 7.71 -1.94
C LYS A 277 -45.99 7.65 -0.42
N TYR A 278 -44.81 7.40 0.16
CA TYR A 278 -44.67 7.31 1.60
C TYR A 278 -45.10 8.63 2.25
N GLU A 279 -44.61 9.75 1.70
CA GLU A 279 -44.79 11.07 2.30
C GLU A 279 -46.24 11.55 2.16
N LYS A 280 -46.97 11.08 1.13
CA LYS A 280 -48.31 11.59 0.86
C LYS A 280 -49.40 10.57 1.23
N ASP A 281 -49.03 9.29 1.44
CA ASP A 281 -50.01 8.26 1.74
C ASP A 281 -49.71 7.58 3.07
N LEU A 282 -48.49 7.07 3.23
CA LEU A 282 -48.09 6.33 4.41
C LEU A 282 -47.78 7.28 5.57
N LYS A 283 -47.29 8.49 5.24
CA LYS A 283 -46.96 9.52 6.23
C LYS A 283 -48.26 10.13 6.78
N ASN A 284 -49.38 9.84 6.14
CA ASN A 284 -50.69 10.25 6.63
C ASN A 284 -51.04 9.49 7.91
N ASP A 285 -50.15 8.56 8.32
CA ASP A 285 -50.23 7.84 9.57
C ASP A 285 -51.49 6.96 9.61
N PRO A 286 -51.61 5.92 8.73
CA PRO A 286 -52.62 4.88 8.95
C PRO A 286 -52.36 4.20 10.29
N ASN A 287 -53.43 3.84 11.01
CA ASN A 287 -53.32 3.41 12.39
C ASN A 287 -52.70 2.01 12.49
N LEU A 288 -52.68 1.26 11.38
CA LEU A 288 -52.15 -0.10 11.35
C LEU A 288 -50.68 -0.14 10.92
N ASN A 289 -50.03 1.04 10.80
CA ASN A 289 -48.66 1.13 10.32
C ASN A 289 -47.68 0.59 11.38
N ASN A 290 -48.01 0.82 12.66
CA ASN A 290 -47.27 0.29 13.80
C ASN A 290 -45.82 0.80 13.80
N GLU A 291 -45.67 2.12 13.69
CA GLU A 291 -44.40 2.81 13.86
C GLU A 291 -43.37 2.38 12.81
N LEU A 292 -43.84 2.08 11.59
CA LEU A 292 -42.95 1.80 10.47
C LEU A 292 -42.69 3.06 9.66
N ASN A 293 -43.30 4.19 10.06
CA ASN A 293 -43.06 5.47 9.42
C ASN A 293 -41.58 5.84 9.58
N GLN A 294 -41.04 5.64 10.78
CA GLN A 294 -39.69 6.09 11.12
C GLN A 294 -38.66 5.25 10.34
N TYR A 295 -38.91 3.94 10.23
CA TYR A 295 -38.02 3.08 9.48
C TYR A 295 -38.07 3.46 8.01
N LEU A 296 -39.29 3.73 7.50
CA LEU A 296 -39.49 4.11 6.11
C LEU A 296 -38.98 5.53 5.86
N GLN A 297 -39.11 6.42 6.85
CA GLN A 297 -38.64 7.79 6.72
C GLN A 297 -37.12 7.82 6.63
N GLN A 298 -36.47 6.86 7.30
CA GLN A 298 -35.03 6.73 7.29
C GLN A 298 -34.58 5.92 6.08
N LYS A 299 -35.35 4.89 5.70
CA LYS A 299 -35.00 4.06 4.56
C LYS A 299 -35.03 4.87 3.27
N TYR A 300 -36.03 5.76 3.14
CA TYR A 300 -36.20 6.56 1.94
C TYR A 300 -35.42 7.87 2.03
N SER A 301 -34.95 8.22 3.23
CA SER A 301 -34.08 9.38 3.39
C SER A 301 -32.74 9.11 2.70
N PHE A 302 -32.21 7.89 2.84
CA PHE A 302 -30.95 7.51 2.21
C PHE A 302 -31.13 7.45 0.70
N SER A 303 -30.15 7.98 -0.03
CA SER A 303 -30.18 7.97 -1.48
C SER A 303 -29.45 6.73 -1.99
N ILE A 304 -30.02 6.09 -3.01
CA ILE A 304 -29.43 4.88 -3.58
C ILE A 304 -28.08 5.21 -4.21
N SER A 305 -27.90 6.47 -4.63
CA SER A 305 -26.64 6.93 -5.22
C SER A 305 -25.48 6.74 -4.24
N LYS A 306 -25.80 6.65 -2.95
CA LYS A 306 -24.81 6.40 -1.90
C LYS A 306 -24.67 4.89 -1.65
N ILE A 307 -25.73 4.10 -1.89
CA ILE A 307 -25.60 2.66 -1.78
C ILE A 307 -24.70 2.12 -2.89
N TRP A 308 -24.83 2.68 -4.10
CA TRP A 308 -24.01 2.26 -5.23
C TRP A 308 -22.53 2.56 -4.95
N SER A 309 -22.27 3.65 -4.21
CA SER A 309 -20.91 4.05 -3.90
C SER A 309 -20.28 3.08 -2.90
N LEU A 310 -21.10 2.30 -2.19
CA LEU A 310 -20.62 1.27 -1.27
C LEU A 310 -20.03 0.10 -2.06
N ASN A 311 -18.71 0.15 -2.29
CA ASN A 311 -17.99 -0.93 -2.95
C ASN A 311 -17.21 -1.71 -1.90
N LEU A 312 -16.80 -2.91 -2.27
CA LEU A 312 -16.26 -3.90 -1.34
C LEU A 312 -14.79 -3.61 -1.06
N THR A 313 -14.19 -2.72 -1.85
CA THR A 313 -12.77 -2.44 -1.73
C THR A 313 -12.54 -1.29 -0.77
N ALA A 314 -13.43 -0.29 -0.79
CA ALA A 314 -13.31 0.84 0.13
C ALA A 314 -13.56 0.37 1.56
N PHE A 315 -14.34 -0.71 1.72
CA PHE A 315 -14.54 -1.33 3.03
C PHE A 315 -13.27 -2.01 3.50
N ALA A 316 -12.52 -2.61 2.56
CA ALA A 316 -11.25 -3.23 2.89
C ALA A 316 -10.25 -2.18 3.37
N ASP A 317 -10.34 -0.96 2.80
CA ASP A 317 -9.51 0.17 3.18
C ASP A 317 -9.87 0.63 4.59
N ILE A 318 -11.16 0.62 4.91
CA ILE A 318 -11.64 1.00 6.24
C ILE A 318 -11.11 0.03 7.30
N PHE A 319 -11.14 -1.29 7.03
CA PHE A 319 -10.61 -2.26 7.96
C PHE A 319 -9.10 -2.46 7.79
N ASN A 320 -8.52 -1.77 6.80
CA ASN A 320 -7.09 -1.81 6.49
C ASN A 320 -6.67 -3.24 6.15
N ILE A 321 -7.44 -3.86 5.25
CA ILE A 321 -7.13 -5.18 4.72
C ILE A 321 -6.51 -5.02 3.35
N ASN A 322 -5.55 -5.90 3.03
CA ASN A 322 -4.94 -5.93 1.71
C ASN A 322 -5.76 -6.87 0.83
N ILE A 323 -6.21 -6.36 -0.31
CA ILE A 323 -7.08 -7.11 -1.21
C ILE A 323 -6.69 -6.81 -2.65
N PRO A 324 -6.75 -7.81 -3.56
CA PRO A 324 -6.43 -7.58 -4.96
C PRO A 324 -7.48 -6.73 -5.68
N THR A 325 -7.23 -5.43 -5.77
CA THR A 325 -8.18 -4.49 -6.35
C THR A 325 -8.27 -4.58 -7.87
N SER A 326 -7.32 -5.26 -8.55
CA SER A 326 -7.30 -5.32 -10.00
C SER A 326 -8.58 -5.95 -10.54
N PHE A 327 -8.73 -7.27 -10.38
CA PHE A 327 -9.92 -7.95 -10.85
C PHE A 327 -10.42 -8.84 -9.73
N LEU A 328 -11.20 -8.22 -8.83
CA LEU A 328 -11.43 -8.81 -7.53
C LEU A 328 -12.20 -10.12 -7.66
N ALA A 329 -13.08 -10.19 -8.67
CA ALA A 329 -14.00 -11.30 -8.79
C ALA A 329 -13.37 -12.49 -9.52
N SER A 330 -12.24 -12.27 -10.21
CA SER A 330 -11.69 -13.31 -11.05
C SER A 330 -10.30 -13.77 -10.61
N ILE A 331 -9.49 -12.85 -10.09
CA ILE A 331 -8.07 -13.12 -9.87
C ILE A 331 -7.86 -14.15 -8.75
N THR A 332 -8.91 -14.42 -7.95
CA THR A 332 -8.84 -15.36 -6.86
C THR A 332 -9.04 -16.80 -7.33
N PHE A 333 -9.22 -17.02 -8.63
CA PHE A 333 -9.53 -18.35 -9.17
C PHE A 333 -8.46 -18.89 -10.12
N TRP A 334 -7.29 -18.25 -10.23
CA TRP A 334 -6.34 -18.57 -11.29
C TRP A 334 -5.25 -19.54 -10.84
N ASP A 335 -5.66 -20.60 -10.11
CA ASP A 335 -4.75 -21.58 -9.55
C ASP A 335 -5.61 -22.62 -8.82
N ARG A 336 -5.00 -23.70 -8.30
CA ARG A 336 -5.79 -24.74 -7.65
C ARG A 336 -6.50 -24.15 -6.43
N SER A 337 -7.77 -24.52 -6.24
CA SER A 337 -8.56 -24.04 -5.12
C SER A 337 -8.11 -24.76 -3.85
N GLN A 338 -7.55 -23.98 -2.91
CA GLN A 338 -7.11 -24.51 -1.62
C GLN A 338 -7.67 -23.62 -0.51
N TYR A 339 -8.24 -24.26 0.52
CA TYR A 339 -8.87 -23.55 1.61
C TYR A 339 -8.11 -23.80 2.92
N TYR A 340 -8.20 -22.83 3.83
CA TYR A 340 -7.51 -22.90 5.11
C TYR A 340 -8.51 -22.62 6.23
N LYS A 341 -8.60 -23.57 7.17
CA LYS A 341 -9.54 -23.49 8.30
C LYS A 341 -9.14 -22.36 9.23
N ILE A 342 -10.12 -21.59 9.68
CA ILE A 342 -9.91 -20.50 10.61
C ILE A 342 -10.57 -20.86 11.93
N ASN A 343 -9.76 -20.98 12.99
CA ASN A 343 -10.29 -21.20 14.32
C ASN A 343 -10.63 -19.84 14.92
N TYR A 344 -11.92 -19.50 14.90
CA TYR A 344 -12.38 -18.15 15.19
C TYR A 344 -12.06 -17.71 16.62
N PRO A 345 -12.27 -18.55 17.65
CA PRO A 345 -11.88 -18.15 19.01
C PRO A 345 -10.43 -17.69 19.13
N ASN A 346 -9.54 -18.23 18.28
CA ASN A 346 -8.11 -18.02 18.39
C ASN A 346 -7.60 -17.10 17.28
N ASP A 347 -7.87 -17.48 16.02
CA ASP A 347 -7.10 -16.99 14.89
C ASP A 347 -7.73 -15.73 14.30
N TYR A 348 -8.84 -15.27 14.88
CA TYR A 348 -9.56 -14.12 14.33
C TYR A 348 -10.40 -13.45 15.40
N ASN A 349 -10.10 -12.19 15.68
CA ASN A 349 -10.73 -11.45 16.76
C ASN A 349 -11.35 -10.19 16.15
N ILE A 350 -11.71 -9.24 17.03
CA ILE A 350 -12.42 -8.03 16.63
C ILE A 350 -11.56 -7.19 15.68
N ASP A 351 -10.23 -7.35 15.78
CA ASP A 351 -9.32 -6.55 14.98
C ASP A 351 -8.74 -7.38 13.84
N GLY A 352 -9.54 -8.30 13.30
CA GLY A 352 -9.12 -9.11 12.17
C GLY A 352 -8.28 -10.30 12.61
N PHE A 353 -7.39 -10.75 11.73
CA PHE A 353 -6.48 -11.83 12.05
C PHE A 353 -5.57 -11.41 13.18
N VAL A 354 -5.36 -12.35 14.11
CA VAL A 354 -4.59 -12.08 15.30
C VAL A 354 -3.12 -11.94 14.90
N ASN A 355 -2.65 -12.79 13.98
CA ASN A 355 -1.24 -12.82 13.66
C ASN A 355 -0.97 -12.05 12.37
N GLY A 356 -1.88 -11.15 12.02
CA GLY A 356 -1.75 -10.39 10.79
C GLY A 356 -2.08 -11.27 9.60
N GLN A 357 -2.29 -10.62 8.45
CA GLN A 357 -2.86 -11.27 7.29
C GLN A 357 -1.86 -12.22 6.63
N TRP A 358 -0.54 -12.02 6.82
CA TRP A 358 0.45 -12.84 6.15
C TRP A 358 0.91 -13.99 7.04
N ASN A 359 1.16 -13.67 8.32
CA ASN A 359 1.87 -14.56 9.21
C ASN A 359 0.88 -15.22 10.17
N THR A 360 -0.36 -15.43 9.71
CA THR A 360 -1.39 -16.03 10.54
C THR A 360 -1.18 -17.55 10.58
N ASN A 361 -0.70 -18.11 9.46
CA ASN A 361 -0.27 -19.49 9.40
C ASN A 361 -1.40 -20.46 9.78
N LEU A 362 -2.43 -20.55 8.93
CA LEU A 362 -3.54 -21.47 9.11
C LEU A 362 -3.23 -22.81 8.47
N LYS A 363 -4.07 -23.81 8.75
CA LYS A 363 -3.85 -25.17 8.24
C LYS A 363 -4.75 -25.42 7.04
N ASN A 364 -4.19 -26.12 6.03
CA ASN A 364 -4.92 -26.46 4.82
C ASN A 364 -6.09 -27.35 5.21
N ILE A 365 -7.21 -27.20 4.49
CA ILE A 365 -8.41 -27.97 4.77
C ILE A 365 -8.26 -29.44 4.35
N GLU A 366 -7.23 -29.78 3.57
CA GLU A 366 -6.99 -31.17 3.18
C GLU A 366 -6.91 -32.06 4.41
N LYS A 367 -7.92 -32.92 4.60
CA LYS A 367 -7.93 -33.94 5.65
C LYS A 367 -8.63 -35.18 5.11
N ASP A 368 -8.25 -36.36 5.60
CA ASP A 368 -8.59 -37.61 4.94
C ASP A 368 -10.10 -37.84 4.93
N ASN A 369 -10.73 -37.73 6.10
CA ASN A 369 -12.08 -38.24 6.31
C ASN A 369 -13.10 -37.36 5.59
N ASN A 370 -13.13 -36.07 5.92
CA ASN A 370 -14.11 -35.16 5.35
C ASN A 370 -13.39 -34.16 4.46
N PHE A 371 -14.17 -33.21 3.93
CA PHE A 371 -13.64 -32.08 3.19
C PHE A 371 -12.84 -32.56 1.98
N ILE A 372 -13.56 -32.97 0.93
CA ILE A 372 -12.96 -33.13 -0.39
C ILE A 372 -13.09 -31.82 -1.17
N ILE A 373 -11.95 -31.27 -1.59
CA ILE A 373 -11.93 -30.09 -2.45
C ILE A 373 -12.07 -30.57 -3.90
N PHE A 374 -13.31 -30.60 -4.39
CA PHE A 374 -13.52 -31.04 -5.75
C PHE A 374 -12.98 -29.97 -6.68
N ASP A 375 -11.86 -30.26 -7.35
CA ASP A 375 -11.27 -29.36 -8.34
C ASP A 375 -11.40 -29.98 -9.72
N LYS A 376 -12.07 -29.26 -10.64
CA LYS A 376 -12.03 -29.61 -12.05
C LYS A 376 -11.37 -28.46 -12.80
N PRO A 377 -10.08 -28.62 -13.19
CA PRO A 377 -9.33 -27.56 -13.86
C PRO A 377 -9.82 -27.41 -15.29
N LYS A 378 -10.46 -26.27 -15.58
CA LYS A 378 -10.82 -25.90 -16.94
C LYS A 378 -9.56 -25.88 -17.80
N GLN A 379 -9.62 -26.58 -18.93
CA GLN A 379 -8.56 -26.57 -19.93
C GLN A 379 -7.24 -27.13 -19.39
N ILE A 380 -7.23 -28.44 -19.10
CA ILE A 380 -6.01 -29.16 -18.78
C ILE A 380 -5.15 -29.32 -20.03
N ILE A 381 -4.07 -28.55 -20.10
CA ILE A 381 -3.23 -28.50 -21.27
C ILE A 381 -2.01 -29.40 -21.08
N THR A 382 -1.75 -30.23 -22.09
CA THR A 382 -0.60 -31.10 -22.07
C THR A 382 0.29 -30.80 -23.28
N TYR A 383 1.53 -30.40 -23.00
CA TYR A 383 2.52 -30.14 -24.03
C TYR A 383 2.91 -31.44 -24.70
N ILE A 384 2.98 -31.42 -26.05
CA ILE A 384 3.33 -32.61 -26.83
C ILE A 384 4.47 -32.30 -27.79
N ASN A 385 5.46 -33.20 -27.81
CA ASN A 385 6.64 -33.08 -28.65
C ASN A 385 6.86 -34.41 -29.33
N ASP A 386 6.87 -34.42 -30.67
CA ASP A 386 7.14 -35.64 -31.42
C ASP A 386 8.56 -35.59 -31.96
N ILE A 387 9.38 -34.62 -31.48
CA ILE A 387 10.83 -34.68 -31.68
C ILE A 387 11.33 -35.89 -30.89
N PHE A 388 10.89 -35.99 -29.64
CA PHE A 388 11.14 -37.15 -28.80
C PHE A 388 9.96 -37.31 -27.84
N ASN A 389 9.74 -38.54 -27.36
CA ASN A 389 8.59 -38.85 -26.53
C ASN A 389 8.58 -37.94 -25.31
N LEU A 390 7.75 -36.90 -25.37
CA LEU A 390 7.68 -35.92 -24.31
C LEU A 390 6.24 -35.39 -24.19
N ARG A 391 5.61 -35.67 -23.05
CA ARG A 391 4.26 -35.22 -22.77
C ARG A 391 4.22 -34.62 -21.36
N TYR A 392 3.99 -33.30 -21.28
CA TYR A 392 4.04 -32.57 -20.01
C TYR A 392 2.74 -31.82 -19.79
N THR A 393 1.94 -32.33 -18.85
CA THR A 393 0.60 -31.83 -18.63
C THR A 393 0.63 -30.79 -17.52
N SER A 394 -0.23 -29.77 -17.65
CA SER A 394 -0.40 -28.72 -16.66
C SER A 394 -1.87 -28.36 -16.54
N ASN A 395 -2.26 -27.86 -15.36
CA ASN A 395 -3.66 -27.56 -15.08
C ASN A 395 -3.85 -26.05 -15.13
N LEU A 396 -4.88 -25.61 -15.85
CA LEU A 396 -5.30 -24.23 -15.85
C LEU A 396 -6.61 -24.13 -15.06
N TYR A 397 -6.84 -22.95 -14.47
CA TYR A 397 -8.00 -22.68 -13.63
C TYR A 397 -8.50 -21.28 -13.99
N GLU A 398 -9.82 -21.12 -14.05
CA GLU A 398 -10.43 -19.86 -14.46
C GLU A 398 -11.64 -19.60 -13.57
N ASP A 399 -12.04 -18.33 -13.49
CA ASP A 399 -13.21 -17.90 -12.75
C ASP A 399 -14.46 -18.56 -13.31
N ASN A 400 -15.53 -18.51 -12.54
CA ASN A 400 -16.75 -19.22 -12.91
C ASN A 400 -17.74 -18.24 -13.55
N LEU A 401 -17.25 -17.06 -13.96
CA LEU A 401 -18.09 -16.09 -14.64
C LEU A 401 -18.43 -16.57 -16.03
N ASP A 402 -19.71 -16.41 -16.41
CA ASP A 402 -20.24 -16.79 -17.71
C ASP A 402 -19.63 -15.91 -18.80
N ILE A 403 -19.56 -16.47 -20.01
CA ILE A 403 -18.75 -15.94 -21.11
C ILE A 403 -19.70 -15.52 -22.21
N GLU A 404 -19.39 -14.40 -22.89
CA GLU A 404 -20.11 -13.95 -24.07
C GLU A 404 -19.08 -13.57 -25.14
N SER A 405 -19.56 -13.20 -26.34
CA SER A 405 -18.70 -12.77 -27.43
C SER A 405 -18.44 -11.26 -27.35
N ASN A 406 -17.83 -10.70 -28.41
CA ASN A 406 -17.31 -9.34 -28.41
C ASN A 406 -18.40 -8.32 -28.74
N ASN A 407 -19.68 -8.68 -28.51
CA ASN A 407 -20.82 -7.90 -28.98
C ASN A 407 -20.84 -6.52 -28.32
N TYR A 408 -20.61 -6.49 -27.00
CA TYR A 408 -20.80 -5.27 -26.23
C TYR A 408 -20.07 -4.13 -26.89
N TYR A 409 -18.79 -4.36 -27.23
CA TYR A 409 -17.97 -3.35 -27.87
C TYR A 409 -18.44 -3.06 -29.30
N LEU A 410 -18.94 -4.07 -30.03
CA LEU A 410 -19.37 -3.87 -31.40
C LEU A 410 -20.63 -3.02 -31.46
N ASN A 411 -21.62 -3.35 -30.62
CA ASN A 411 -22.94 -2.75 -30.72
C ASN A 411 -23.23 -1.98 -29.43
N PHE A 412 -22.27 -1.17 -29.00
CA PHE A 412 -22.48 -0.23 -27.91
C PHE A 412 -23.05 1.06 -28.50
N MET A 413 -24.09 1.58 -27.85
CA MET A 413 -24.81 2.78 -28.27
C MET A 413 -24.61 3.90 -27.24
N PHE A 414 -24.02 5.01 -27.71
CA PHE A 414 -23.95 6.25 -26.96
C PHE A 414 -25.26 7.02 -27.11
N GLU A 415 -26.04 7.16 -26.03
CA GLU A 415 -27.22 8.03 -26.02
C GLU A 415 -26.77 9.49 -25.84
N TYR A 416 -26.87 10.27 -26.92
CA TYR A 416 -26.34 11.64 -26.97
C TYR A 416 -27.02 12.52 -25.91
N ASP A 417 -28.23 12.13 -25.50
CA ASP A 417 -28.97 12.83 -24.45
C ASP A 417 -28.73 12.14 -23.11
N LYS A 418 -27.46 12.11 -22.68
CA LYS A 418 -27.08 11.64 -21.36
C LYS A 418 -26.30 12.73 -20.63
N GLY A 419 -26.87 13.93 -20.55
CA GLY A 419 -26.25 15.04 -19.83
C GLY A 419 -25.99 14.67 -18.37
N ASN A 420 -25.01 15.37 -17.76
CA ASN A 420 -24.53 15.02 -16.43
C ASN A 420 -25.67 15.09 -15.41
N ASN A 421 -25.84 13.98 -14.64
CA ASN A 421 -26.84 13.86 -13.60
C ASN A 421 -26.18 13.60 -12.25
N PHE A 422 -26.90 13.91 -11.16
CA PHE A 422 -26.31 13.96 -9.83
C PHE A 422 -25.07 14.85 -9.91
N THR A 423 -23.90 14.29 -9.54
CA THR A 423 -22.62 14.98 -9.65
C THR A 423 -22.73 16.42 -9.13
N ILE A 424 -23.53 16.62 -8.07
CA ILE A 424 -23.59 17.90 -7.37
C ILE A 424 -22.22 18.12 -6.72
N ASN A 425 -21.99 19.33 -6.22
CA ASN A 425 -20.74 19.69 -5.56
C ASN A 425 -20.36 18.68 -4.47
N GLN A 426 -21.35 17.91 -3.98
CA GLN A 426 -21.20 17.10 -2.77
C GLN A 426 -21.41 15.61 -3.09
N TYR A 427 -20.31 14.86 -3.36
CA TYR A 427 -20.39 13.39 -3.45
C TYR A 427 -18.99 12.76 -3.57
N LYS A 428 -18.27 12.58 -2.43
CA LYS A 428 -16.97 11.91 -2.40
C LYS A 428 -16.54 11.49 -0.98
N ALA A 429 -17.42 10.77 -0.25
CA ALA A 429 -17.09 10.10 1.01
C ALA A 429 -18.13 9.00 1.25
N LEU A 430 -17.99 8.21 2.34
CA LEU A 430 -18.90 7.10 2.59
C LEU A 430 -19.83 7.39 3.78
N LEU A 431 -21.11 7.00 3.63
CA LEU A 431 -22.15 7.10 4.65
C LEU A 431 -22.27 8.53 5.18
N ASP A 432 -22.56 9.49 4.29
CA ASP A 432 -22.50 10.90 4.65
C ASP A 432 -23.82 11.37 5.25
N THR A 433 -24.93 10.81 4.76
CA THR A 433 -26.25 11.24 5.17
C THR A 433 -27.03 10.04 5.71
N LEU A 434 -26.88 9.74 7.02
CA LEU A 434 -27.78 8.82 7.71
C LEU A 434 -27.68 9.00 9.22
N ASP A 435 -28.61 8.37 9.95
CA ASP A 435 -28.63 8.42 11.39
C ASP A 435 -28.16 7.08 11.95
N ASN A 436 -27.20 7.15 12.87
CA ASN A 436 -26.74 5.98 13.59
C ASN A 436 -27.56 5.83 14.86
N ASP A 437 -27.53 6.90 15.67
CA ASP A 437 -28.13 6.90 16.99
C ASP A 437 -29.66 6.82 16.87
N PHE A 438 -30.22 7.61 15.95
CA PHE A 438 -31.66 7.75 15.84
C PHE A 438 -32.28 6.42 15.39
N ILE A 439 -31.64 5.79 14.40
CA ILE A 439 -32.07 4.49 13.92
C ILE A 439 -31.93 3.45 15.03
N ASP A 440 -30.81 3.51 15.76
CA ASP A 440 -30.56 2.59 16.85
C ASP A 440 -31.59 2.78 17.96
N SER A 441 -31.98 4.03 18.21
CA SER A 441 -32.87 4.35 19.32
C SER A 441 -34.30 3.86 19.04
N LEU A 442 -34.68 3.75 17.76
CA LEU A 442 -36.03 3.37 17.39
C LEU A 442 -36.32 1.95 17.90
N PRO A 443 -37.48 1.70 18.55
CA PRO A 443 -37.85 0.36 18.99
C PRO A 443 -38.14 -0.58 17.82
N PRO A 444 -37.89 -1.91 17.96
CA PRO A 444 -38.17 -2.86 16.89
C PRO A 444 -39.66 -3.14 16.69
N ILE A 445 -40.00 -3.79 15.57
CA ILE A 445 -41.38 -4.12 15.24
C ILE A 445 -41.71 -5.44 15.94
N GLN A 446 -42.73 -5.43 16.81
CA GLN A 446 -43.04 -6.59 17.66
C GLN A 446 -44.53 -6.97 17.59
N GLY A 447 -45.33 -6.23 16.81
CA GLY A 447 -46.76 -6.46 16.76
C GLY A 447 -47.38 -6.02 15.43
N MET A 448 -47.47 -6.97 14.49
CA MET A 448 -48.32 -6.87 13.31
C MET A 448 -48.20 -8.17 12.51
N ASN A 449 -48.96 -8.26 11.42
CA ASN A 449 -49.01 -9.48 10.61
C ASN A 449 -48.00 -9.35 9.47
N ALA A 450 -47.75 -10.48 8.77
CA ALA A 450 -46.79 -10.53 7.68
C ALA A 450 -47.28 -11.45 6.57
N GLN A 451 -47.00 -11.03 5.32
CA GLN A 451 -47.33 -11.74 4.10
C GLN A 451 -46.29 -12.83 3.84
N ASN A 452 -46.57 -13.71 2.87
CA ASN A 452 -45.61 -14.67 2.37
C ASN A 452 -45.93 -15.03 0.93
N LYS A 453 -45.31 -14.29 0.00
CA LYS A 453 -45.27 -14.67 -1.40
C LYS A 453 -43.88 -15.25 -1.72
N LEU A 454 -43.70 -16.55 -1.48
CA LEU A 454 -42.44 -17.22 -1.71
C LEU A 454 -42.28 -17.56 -3.20
N THR A 455 -41.58 -16.69 -3.95
CA THR A 455 -41.20 -16.97 -5.32
C THR A 455 -40.05 -17.98 -5.33
N SER A 456 -40.28 -19.12 -5.99
CA SER A 456 -39.28 -20.18 -6.05
C SER A 456 -38.09 -19.68 -6.87
N LEU A 457 -36.90 -20.11 -6.46
CA LEU A 457 -35.65 -19.67 -7.05
C LEU A 457 -34.76 -20.89 -7.32
N PRO A 458 -35.28 -21.98 -7.93
CA PRO A 458 -34.53 -23.22 -8.05
C PRO A 458 -33.78 -23.37 -9.37
N ILE A 459 -32.90 -22.42 -9.68
CA ILE A 459 -32.31 -22.32 -11.01
C ILE A 459 -31.02 -23.15 -11.05
N ILE A 460 -31.14 -24.48 -11.15
CA ILE A 460 -29.98 -25.36 -11.09
C ILE A 460 -29.19 -25.24 -12.38
N SER A 461 -27.88 -25.08 -12.21
CA SER A 461 -26.98 -24.75 -13.28
C SER A 461 -25.75 -25.65 -13.20
N LYS A 462 -25.96 -26.94 -13.51
CA LYS A 462 -24.84 -27.82 -13.78
C LYS A 462 -23.87 -27.13 -14.73
N GLY A 463 -22.58 -27.14 -14.38
CA GLY A 463 -21.58 -26.33 -15.06
C GLY A 463 -20.82 -27.12 -16.12
N THR A 464 -19.98 -26.39 -16.88
CA THR A 464 -19.17 -26.97 -17.94
C THR A 464 -18.13 -27.92 -17.35
N ASP A 465 -17.73 -28.95 -18.11
CA ASP A 465 -16.71 -29.87 -17.65
C ASP A 465 -15.37 -29.50 -18.28
N THR A 466 -14.29 -30.17 -17.84
CA THR A 466 -12.94 -29.86 -18.29
C THR A 466 -12.73 -30.28 -19.76
N GLU A 467 -11.76 -29.61 -20.40
CA GLU A 467 -11.37 -29.90 -21.76
C GLU A 467 -9.88 -30.24 -21.78
N ASN A 468 -9.51 -31.30 -22.50
CA ASN A 468 -8.11 -31.76 -22.51
C ASN A 468 -7.47 -31.42 -23.85
N ILE A 469 -6.84 -30.24 -23.92
CA ILE A 469 -6.36 -29.68 -25.17
C ILE A 469 -4.84 -29.80 -25.20
N ASN A 470 -4.26 -30.24 -26.32
CA ASN A 470 -2.82 -30.36 -26.42
C ASN A 470 -2.22 -29.01 -26.78
N SER A 471 -0.88 -28.93 -26.73
CA SER A 471 -0.13 -27.73 -27.08
C SER A 471 1.23 -28.11 -27.63
N GLU A 472 1.74 -27.30 -28.57
CA GLU A 472 2.92 -27.64 -29.34
C GLU A 472 4.15 -26.93 -28.77
N LEU A 473 3.92 -25.98 -27.85
CA LEU A 473 5.02 -25.21 -27.27
C LEU A 473 4.84 -25.13 -25.76
N LEU A 474 5.98 -24.92 -25.07
CA LEU A 474 6.00 -24.92 -23.61
C LEU A 474 5.40 -23.61 -23.09
N LEU A 475 4.17 -23.71 -22.57
CA LEU A 475 3.46 -22.57 -22.02
C LEU A 475 4.10 -22.12 -20.71
N PRO A 476 3.88 -20.86 -20.28
CA PRO A 476 4.30 -20.43 -18.96
C PRO A 476 3.80 -21.34 -17.83
N ILE A 477 2.57 -21.84 -17.93
CA ILE A 477 2.05 -22.70 -16.87
C ILE A 477 2.88 -24.00 -16.79
N HIS A 478 3.40 -24.45 -17.93
CA HIS A 478 4.27 -25.61 -17.97
C HIS A 478 5.59 -25.28 -17.26
N TYR A 479 6.13 -24.08 -17.50
CA TYR A 479 7.37 -23.66 -16.87
C TYR A 479 7.20 -23.57 -15.35
N LEU A 480 6.05 -23.03 -14.91
CA LEU A 480 5.72 -22.89 -13.49
C LEU A 480 5.64 -24.25 -12.81
N LYS A 481 5.09 -25.25 -13.50
CA LYS A 481 5.03 -26.58 -12.94
C LYS A 481 6.46 -27.11 -12.73
N SER A 482 7.36 -26.79 -13.65
CA SER A 482 8.75 -27.24 -13.58
C SER A 482 9.46 -26.65 -12.37
N GLN A 483 9.03 -25.47 -11.95
CA GLN A 483 9.63 -24.77 -10.82
C GLN A 483 9.25 -25.47 -9.51
N THR A 484 8.07 -26.07 -9.45
CA THR A 484 7.55 -26.66 -8.22
C THR A 484 8.30 -27.94 -7.87
N TYR A 485 8.33 -28.30 -6.58
CA TYR A 485 8.87 -29.57 -6.14
C TYR A 485 7.74 -30.42 -5.53
N ASN A 486 7.53 -31.63 -6.07
CA ASN A 486 6.36 -32.43 -5.74
C ASN A 486 6.73 -33.79 -5.15
N LEU A 487 7.71 -33.86 -4.24
CA LEU A 487 8.14 -35.17 -3.73
C LEU A 487 8.18 -35.17 -2.20
N ASP A 488 8.67 -36.28 -1.64
CA ASP A 488 8.87 -36.46 -0.21
C ASP A 488 9.71 -35.31 0.32
N MET A 489 9.87 -35.23 1.64
CA MET A 489 10.91 -34.40 2.21
C MET A 489 12.21 -35.22 2.25
N TYR A 490 12.05 -36.53 2.43
CA TYR A 490 13.18 -37.43 2.58
C TYR A 490 13.61 -37.92 1.20
N SER A 491 13.96 -36.97 0.34
CA SER A 491 14.32 -37.25 -1.04
C SER A 491 15.13 -36.08 -1.57
N SER A 492 16.10 -36.36 -2.45
CA SER A 492 17.04 -35.34 -2.88
C SER A 492 16.38 -34.38 -3.86
N ILE A 493 17.00 -33.21 -4.06
CA ILE A 493 16.62 -32.24 -5.07
C ILE A 493 17.81 -32.01 -6.03
N LYS A 494 17.51 -31.86 -7.33
CA LYS A 494 18.51 -31.59 -8.33
C LYS A 494 18.07 -30.37 -9.15
N PHE A 495 18.87 -29.31 -9.16
CA PHE A 495 18.51 -28.10 -9.91
C PHE A 495 19.11 -28.20 -11.31
N THR A 496 18.46 -27.54 -12.28
CA THR A 496 18.97 -27.49 -13.64
C THR A 496 18.44 -26.27 -14.38
N THR A 497 19.09 -25.93 -15.51
CA THR A 497 18.69 -24.81 -16.34
C THR A 497 18.05 -25.30 -17.64
N ASN A 498 18.22 -26.59 -17.95
CA ASN A 498 17.62 -27.18 -19.13
C ASN A 498 16.21 -27.67 -18.78
N ILE A 499 15.21 -26.91 -19.21
CA ILE A 499 13.82 -27.21 -18.92
C ILE A 499 13.43 -28.57 -19.48
N TYR A 500 14.05 -28.98 -20.59
CA TYR A 500 13.66 -30.19 -21.27
C TYR A 500 14.05 -31.42 -20.45
N GLU A 501 15.03 -31.27 -19.54
CA GLU A 501 15.43 -32.36 -18.67
C GLU A 501 14.26 -32.69 -17.74
N VAL A 502 13.61 -31.66 -17.17
CA VAL A 502 12.62 -31.82 -16.11
C VAL A 502 11.34 -32.44 -16.68
N VAL A 503 10.94 -32.00 -17.87
CA VAL A 503 9.71 -32.46 -18.48
C VAL A 503 9.78 -33.93 -18.86
N SER A 504 11.01 -34.49 -18.96
CA SER A 504 11.19 -35.89 -19.37
C SER A 504 10.55 -36.82 -18.35
N GLU A 505 10.73 -36.52 -17.07
CA GLU A 505 10.14 -37.26 -15.98
C GLU A 505 9.26 -36.31 -15.17
N LYS A 506 7.95 -36.60 -15.08
CA LYS A 506 6.98 -35.65 -14.56
C LYS A 506 7.33 -35.23 -13.13
N ASN A 507 7.51 -36.20 -12.21
CA ASN A 507 7.80 -35.88 -10.82
C ASN A 507 9.20 -36.37 -10.44
N SER A 508 10.19 -36.13 -11.31
CA SER A 508 11.57 -36.39 -10.94
C SER A 508 12.01 -35.37 -9.89
N GLU A 509 13.01 -35.76 -9.10
CA GLU A 509 13.60 -34.89 -8.10
C GLU A 509 14.19 -33.64 -8.76
N LEU A 510 14.47 -33.71 -10.06
CA LEU A 510 15.01 -32.58 -10.80
C LEU A 510 13.97 -31.47 -10.91
N VAL A 511 14.44 -30.22 -10.77
CA VAL A 511 13.60 -29.03 -10.91
C VAL A 511 14.36 -27.97 -11.71
N TYR A 512 13.62 -27.22 -12.53
CA TYR A 512 14.19 -26.21 -13.40
C TYR A 512 14.30 -24.86 -12.69
N THR A 513 15.47 -24.21 -12.85
CA THR A 513 15.72 -22.89 -12.30
C THR A 513 16.26 -21.99 -13.40
N PHE A 514 15.84 -20.72 -13.38
CA PHE A 514 16.30 -19.71 -14.34
C PHE A 514 17.27 -18.76 -13.66
N LEU A 515 17.88 -19.21 -12.56
CA LEU A 515 18.84 -18.41 -11.83
C LEU A 515 20.20 -19.09 -11.93
N PRO A 516 21.09 -18.58 -12.80
CA PRO A 516 22.37 -19.23 -13.06
C PRO A 516 23.25 -19.44 -11.83
N HIS A 517 23.28 -18.44 -10.95
CA HIS A 517 24.14 -18.48 -9.80
C HIS A 517 23.69 -19.60 -8.86
N ILE A 518 22.37 -19.76 -8.74
CA ILE A 518 21.78 -20.73 -7.85
C ILE A 518 22.07 -22.14 -8.35
N ASN A 519 21.94 -22.33 -9.68
CA ASN A 519 22.25 -23.61 -10.29
C ASN A 519 23.71 -24.00 -10.07
N GLU A 520 24.60 -23.01 -10.19
CA GLU A 520 26.03 -23.20 -10.00
C GLU A 520 26.32 -23.73 -8.59
N ILE A 521 25.65 -23.14 -7.60
CA ILE A 521 25.79 -23.52 -6.21
C ILE A 521 25.34 -24.97 -6.00
N MET A 522 24.22 -25.33 -6.62
CA MET A 522 23.59 -26.62 -6.41
C MET A 522 24.24 -27.69 -7.29
N GLU A 523 25.07 -27.26 -8.26
CA GLU A 523 25.87 -28.16 -9.08
C GLU A 523 26.73 -29.06 -8.19
N ASN A 524 27.38 -28.45 -7.18
CA ASN A 524 28.20 -29.20 -6.24
C ASN A 524 27.67 -29.00 -4.83
N TYR A 525 26.62 -29.74 -4.47
CA TYR A 525 26.09 -29.69 -3.12
C TYR A 525 25.45 -31.03 -2.75
N SER A 526 26.03 -31.65 -1.72
CA SER A 526 25.51 -32.87 -1.14
C SER A 526 25.03 -32.56 0.27
N ILE A 527 23.86 -33.10 0.62
CA ILE A 527 23.26 -32.84 1.92
C ILE A 527 24.12 -33.49 3.01
N ASN A 528 25.05 -34.36 2.60
CA ASN A 528 25.79 -35.21 3.50
C ASN A 528 27.03 -34.49 4.03
N ASN A 529 27.81 -33.85 3.14
CA ASN A 529 29.15 -33.44 3.51
C ASN A 529 29.45 -31.99 3.13
N THR A 530 28.57 -31.31 2.39
CA THR A 530 28.84 -29.94 1.96
C THR A 530 28.82 -29.00 3.16
N ILE A 531 27.83 -29.19 4.05
CA ILE A 531 27.65 -28.33 5.22
C ILE A 531 27.86 -29.16 6.48
N LYS A 532 28.83 -28.79 7.31
CA LYS A 532 29.24 -29.67 8.41
C LYS A 532 29.29 -28.96 9.76
N THR A 533 29.22 -27.63 9.81
CA THR A 533 29.10 -26.96 11.09
C THR A 533 28.05 -25.86 11.00
N GLU A 534 27.58 -25.46 12.18
CA GLU A 534 26.59 -24.41 12.30
C GLU A 534 27.02 -23.18 11.50
N GLU A 535 28.30 -22.82 11.61
CA GLU A 535 28.82 -21.60 11.04
C GLU A 535 28.77 -21.72 9.51
N GLU A 536 29.05 -22.94 9.02
CA GLU A 536 29.08 -23.20 7.60
C GLU A 536 27.66 -23.24 7.05
N PHE A 537 26.70 -23.68 7.88
CA PHE A 537 25.30 -23.72 7.50
C PHE A 537 24.75 -22.30 7.35
N TYR A 538 25.14 -21.43 8.30
CA TYR A 538 24.82 -20.02 8.22
C TYR A 538 25.43 -19.42 6.98
N ASN A 539 26.73 -19.66 6.74
CA ASN A 539 27.44 -19.11 5.59
C ASN A 539 26.82 -19.56 4.27
N TRP A 540 26.45 -20.84 4.19
CA TRP A 540 25.85 -21.36 2.97
C TRP A 540 24.52 -20.68 2.74
N MET A 541 23.77 -20.47 3.82
CA MET A 541 22.52 -19.78 3.76
C MET A 541 22.75 -18.34 3.28
N GLU A 542 23.78 -17.69 3.81
CA GLU A 542 24.15 -16.33 3.41
C GLU A 542 24.57 -16.33 1.94
N ASN A 543 25.27 -17.39 1.52
CA ASN A 543 25.76 -17.46 0.15
C ASN A 543 24.58 -17.61 -0.80
N LEU A 544 23.58 -18.40 -0.41
CA LEU A 544 22.37 -18.55 -1.22
C LEU A 544 21.64 -17.22 -1.36
N PHE A 545 21.49 -16.51 -0.25
CA PHE A 545 20.71 -15.30 -0.23
C PHE A 545 21.34 -14.29 -1.20
N ILE A 546 22.67 -14.29 -1.24
CA ILE A 546 23.41 -13.32 -2.03
C ILE A 546 23.22 -13.62 -3.50
N ASN A 547 23.37 -14.90 -3.86
CA ASN A 547 23.29 -15.30 -5.25
C ASN A 547 21.86 -15.12 -5.74
N TYR A 548 20.88 -15.48 -4.89
CA TYR A 548 19.47 -15.33 -5.20
C TYR A 548 19.12 -13.86 -5.42
N SER A 549 19.64 -13.02 -4.55
CA SER A 549 19.39 -11.60 -4.64
C SER A 549 19.86 -11.08 -5.99
N ILE A 550 21.04 -11.55 -6.41
CA ILE A 550 21.70 -11.03 -7.60
C ILE A 550 20.91 -11.44 -8.86
N ASP A 551 20.40 -12.66 -8.89
CA ASP A 551 19.78 -13.17 -10.11
C ASP A 551 18.42 -12.50 -10.35
N ILE A 552 17.55 -12.37 -9.34
CA ILE A 552 16.14 -12.02 -9.57
C ILE A 552 15.96 -10.52 -9.64
N LEU A 553 16.88 -9.79 -9.01
CA LEU A 553 16.78 -8.33 -8.92
C LEU A 553 17.48 -7.69 -10.11
N GLU A 554 18.10 -8.51 -10.96
CA GLU A 554 18.81 -8.05 -12.15
C GLU A 554 17.84 -7.27 -13.03
N LYS A 555 18.21 -6.01 -13.32
CA LYS A 555 17.49 -5.18 -14.27
C LYS A 555 18.51 -4.31 -15.01
N ARG A 556 18.20 -4.03 -16.28
CA ARG A 556 18.99 -3.13 -17.10
C ARG A 556 18.09 -2.02 -17.60
N ASN A 557 18.68 -0.83 -17.77
CA ASN A 557 17.99 0.33 -18.29
C ASN A 557 17.65 0.08 -19.76
N SER A 558 16.46 0.52 -20.20
CA SER A 558 15.90 0.15 -21.49
C SER A 558 15.99 1.32 -22.45
N ILE A 559 16.23 1.00 -23.73
CA ILE A 559 16.25 2.01 -24.78
C ILE A 559 14.86 2.14 -25.41
N ILE A 560 13.92 1.30 -24.97
CA ILE A 560 12.56 1.38 -25.45
C ILE A 560 11.90 2.61 -24.81
N PRO A 561 11.14 3.42 -25.59
CA PRO A 561 10.39 4.55 -25.02
C PRO A 561 9.31 4.06 -24.06
N GLY A 562 9.10 4.82 -22.98
CA GLY A 562 8.05 4.52 -22.01
C GLY A 562 8.46 3.41 -21.05
N ILE A 563 9.71 2.91 -21.16
CA ILE A 563 10.23 1.92 -20.25
C ILE A 563 11.54 2.43 -19.66
N THR A 564 11.60 2.46 -18.33
CA THR A 564 12.80 2.90 -17.63
C THR A 564 13.82 1.77 -17.62
N ALA A 565 13.39 0.53 -17.35
CA ALA A 565 14.29 -0.60 -17.19
C ALA A 565 13.59 -1.92 -17.51
N VAL A 566 14.39 -2.96 -17.81
CA VAL A 566 13.87 -4.24 -18.27
C VAL A 566 14.50 -5.38 -17.49
N LEU A 567 13.65 -6.29 -17.02
CA LEU A 567 14.04 -7.49 -16.30
C LEU A 567 14.38 -8.58 -17.31
N PRO A 568 15.65 -8.99 -17.48
CA PRO A 568 16.03 -9.98 -18.50
C PRO A 568 15.74 -11.45 -18.18
N TRP A 569 15.27 -11.71 -16.94
CA TRP A 569 15.00 -13.06 -16.48
C TRP A 569 13.58 -13.49 -16.84
N ILE A 570 12.74 -12.59 -17.36
CA ILE A 570 11.34 -12.93 -17.55
C ILE A 570 11.22 -13.95 -18.68
N GLY A 571 12.16 -13.86 -19.65
CA GLY A 571 12.24 -14.77 -20.78
C GLY A 571 12.39 -16.22 -20.33
N LYS A 572 13.33 -16.46 -19.41
CA LYS A 572 13.67 -17.80 -18.97
C LYS A 572 12.66 -18.34 -17.94
N ALA A 573 11.69 -17.54 -17.51
CA ALA A 573 10.82 -17.96 -16.42
C ALA A 573 9.47 -18.41 -16.94
N LEU A 574 8.93 -17.67 -17.89
CA LEU A 574 7.60 -17.96 -18.39
C LEU A 574 7.65 -18.41 -19.84
N ASN A 575 8.88 -18.48 -20.39
CA ASN A 575 9.09 -18.92 -21.76
C ASN A 575 8.40 -17.97 -22.74
N ILE A 576 8.45 -16.66 -22.46
CA ILE A 576 7.87 -15.65 -23.33
C ILE A 576 9.01 -14.82 -23.90
N LEU A 577 9.08 -14.74 -25.23
CA LEU A 577 10.23 -14.18 -25.92
C LEU A 577 11.50 -14.87 -25.42
N ASN A 578 11.45 -16.19 -25.25
CA ASN A 578 12.60 -16.94 -24.79
C ASN A 578 13.25 -17.60 -25.99
N THR A 579 14.22 -16.90 -26.58
CA THR A 579 14.97 -17.42 -27.71
C THR A 579 16.44 -17.45 -27.32
N ASN A 580 17.29 -17.95 -28.22
CA ASN A 580 18.73 -17.88 -28.05
C ASN A 580 19.17 -16.42 -27.96
N ASN A 581 18.39 -15.50 -28.54
CA ASN A 581 18.60 -14.06 -28.39
C ASN A 581 18.42 -13.66 -26.94
N ASP A 582 19.09 -12.58 -26.53
CA ASP A 582 18.88 -11.98 -25.23
C ASP A 582 17.43 -11.48 -25.12
N PHE A 583 16.88 -11.52 -23.90
CA PHE A 583 15.51 -11.07 -23.67
C PHE A 583 15.35 -9.58 -23.96
N GLU A 584 16.36 -8.78 -23.60
CA GLU A 584 16.37 -7.35 -23.91
C GLU A 584 16.25 -7.20 -25.43
N GLU A 585 17.09 -7.96 -26.16
CA GLU A 585 17.17 -7.82 -27.60
C GLU A 585 15.95 -8.47 -28.26
N GLU A 586 15.42 -9.54 -27.68
CA GLU A 586 14.24 -10.19 -28.26
C GLU A 586 13.04 -9.24 -28.17
N LEU A 587 12.95 -8.52 -27.05
CA LEU A 587 11.89 -7.55 -26.83
C LEU A 587 12.05 -6.40 -27.82
N GLN A 588 13.29 -6.11 -28.24
CA GLN A 588 13.55 -5.08 -29.25
C GLN A 588 12.89 -5.49 -30.57
N LEU A 589 13.29 -6.66 -31.11
CA LEU A 589 12.85 -7.10 -32.42
C LEU A 589 11.36 -7.47 -32.38
N SER A 590 10.95 -8.14 -31.31
CA SER A 590 9.59 -8.64 -31.22
C SER A 590 8.65 -7.52 -30.76
N GLY A 591 9.21 -6.45 -30.18
CA GLY A 591 8.43 -5.33 -29.69
C GLY A 591 7.69 -5.69 -28.39
N ILE A 592 6.96 -4.71 -27.84
CA ILE A 592 6.20 -4.93 -26.62
C ILE A 592 4.97 -5.79 -26.91
N LYS A 593 4.46 -5.69 -28.13
CA LYS A 593 3.32 -6.50 -28.53
C LYS A 593 3.66 -7.99 -28.44
N GLY A 594 4.95 -8.33 -28.36
CA GLY A 594 5.39 -9.72 -28.29
C GLY A 594 5.02 -10.38 -26.97
N LEU A 595 4.72 -9.56 -25.96
CA LEU A 595 4.38 -10.03 -24.63
C LEU A 595 2.89 -10.35 -24.52
N ILE A 596 2.09 -9.97 -25.52
CA ILE A 596 0.64 -10.10 -25.46
C ILE A 596 0.15 -10.80 -26.72
N LYS A 597 -0.90 -11.62 -26.58
CA LYS A 597 -1.64 -12.10 -27.74
C LYS A 597 -2.49 -10.95 -28.29
N GLU A 598 -2.10 -10.41 -29.46
CA GLU A 598 -2.79 -9.28 -30.05
C GLU A 598 -4.22 -9.66 -30.44
N TYR A 599 -5.20 -8.83 -30.06
CA TYR A 599 -6.61 -9.05 -30.37
C TYR A 599 -6.99 -8.30 -31.64
N GLU A 600 -7.24 -9.05 -32.73
CA GLU A 600 -7.50 -8.44 -34.04
C GLU A 600 -8.85 -7.73 -34.02
N ASN A 601 -9.86 -8.34 -33.38
CA ASN A 601 -11.21 -7.80 -33.40
C ASN A 601 -11.35 -6.71 -32.35
N PHE A 602 -10.42 -5.74 -32.36
CA PHE A 602 -10.46 -4.64 -31.41
C PHE A 602 -11.37 -3.56 -31.97
N ILE A 603 -12.28 -3.08 -31.12
CA ILE A 603 -13.30 -2.14 -31.51
C ILE A 603 -12.86 -0.74 -31.09
N ILE A 604 -12.80 0.19 -32.06
CA ILE A 604 -12.57 1.61 -31.83
C ILE A 604 -13.89 2.32 -32.07
N PRO A 605 -14.42 3.12 -31.12
CA PRO A 605 -15.71 3.77 -31.33
C PRO A 605 -15.62 4.84 -32.41
N ASP A 606 -16.73 5.10 -33.11
CA ASP A 606 -16.72 5.97 -34.28
C ASP A 606 -16.94 7.42 -33.85
N MET A 607 -17.90 7.65 -32.92
CA MET A 607 -18.13 8.94 -32.27
C MET A 607 -18.41 10.05 -33.28
N ILE A 608 -19.51 9.94 -34.02
CA ILE A 608 -19.90 11.01 -34.93
C ILE A 608 -21.31 11.45 -34.55
N VAL A 609 -21.46 12.75 -34.26
CA VAL A 609 -22.78 13.37 -34.11
C VAL A 609 -22.71 14.72 -34.84
N PRO A 610 -22.94 14.74 -36.18
CA PRO A 610 -22.94 15.98 -36.94
C PRO A 610 -24.30 16.69 -37.02
N ASP A 611 -25.27 16.20 -36.25
CA ASP A 611 -26.64 16.69 -36.26
C ASP A 611 -26.69 18.13 -35.74
N ILE A 612 -27.01 19.09 -36.62
CA ILE A 612 -27.17 20.49 -36.26
C ILE A 612 -28.48 21.02 -36.87
N PRO A 613 -29.58 21.12 -36.10
CA PRO A 613 -30.85 21.65 -36.62
C PRO A 613 -30.86 23.16 -36.88
N LEU A 614 -31.86 23.64 -37.64
CA LEU A 614 -31.97 25.05 -38.04
C LEU A 614 -33.42 25.54 -37.84
N ASP A 615 -33.58 26.85 -37.56
CA ASP A 615 -34.86 27.55 -37.54
C ASP A 615 -34.63 28.99 -37.05
N ASN A 616 -35.66 29.85 -37.13
CA ASN A 616 -35.64 31.16 -36.52
C ASN A 616 -36.30 31.14 -35.14
N MET A 617 -35.45 30.93 -34.12
CA MET A 617 -35.80 31.12 -32.72
C MET A 617 -35.00 32.30 -32.18
N PRO A 618 -35.65 33.46 -31.88
CA PRO A 618 -34.95 34.68 -31.46
C PRO A 618 -34.69 34.89 -29.96
N ARG A 619 -34.95 33.87 -29.13
CA ARG A 619 -34.86 33.98 -27.68
C ARG A 619 -33.40 33.91 -27.21
N THR A 620 -33.04 34.75 -26.22
CA THR A 620 -31.76 34.72 -25.51
C THR A 620 -30.58 34.79 -26.49
N TYR A 621 -30.36 35.96 -27.09
CA TYR A 621 -29.44 36.16 -28.20
C TYR A 621 -29.72 35.14 -29.30
N ASP A 622 -31.01 34.94 -29.61
CA ASP A 622 -31.47 33.99 -30.62
C ASP A 622 -31.04 32.56 -30.26
N ASP A 623 -30.69 32.34 -28.98
CA ASP A 623 -30.14 31.07 -28.51
C ASP A 623 -29.13 30.53 -29.51
N ILE A 624 -28.13 31.34 -29.91
CA ILE A 624 -27.08 30.89 -30.82
C ILE A 624 -25.83 30.55 -30.01
N ASP A 625 -25.34 31.54 -29.25
CA ASP A 625 -24.16 31.34 -28.43
C ASP A 625 -24.39 30.19 -27.45
N LYS A 626 -25.59 30.13 -26.84
CA LYS A 626 -25.95 29.05 -25.91
C LYS A 626 -26.02 27.71 -26.64
N LYS A 627 -26.70 27.71 -27.80
CA LYS A 627 -26.94 26.50 -28.58
C LYS A 627 -25.61 25.90 -29.04
N LEU A 628 -24.69 26.73 -29.55
CA LEU A 628 -23.39 26.25 -30.02
C LEU A 628 -22.50 25.88 -28.84
N SER A 629 -22.67 26.55 -27.69
CA SER A 629 -21.91 26.22 -26.49
C SER A 629 -22.29 24.83 -25.99
N GLU A 630 -23.60 24.56 -25.85
CA GLU A 630 -24.08 23.29 -25.36
C GLU A 630 -23.78 22.17 -26.38
N ILE A 631 -23.77 22.51 -27.69
CA ILE A 631 -23.39 21.58 -28.75
C ILE A 631 -21.88 21.28 -28.67
N TYR A 632 -21.07 22.33 -28.48
CA TYR A 632 -19.62 22.18 -28.40
C TYR A 632 -19.26 21.27 -27.23
N THR A 633 -19.97 21.44 -26.11
CA THR A 633 -19.68 20.72 -24.88
C THR A 633 -20.28 19.30 -24.89
N LYS A 634 -21.34 19.08 -25.70
CA LYS A 634 -21.87 17.74 -25.88
C LYS A 634 -20.93 16.92 -26.76
N ASN A 635 -20.34 17.54 -27.78
CA ASN A 635 -19.35 16.88 -28.63
C ASN A 635 -18.11 16.55 -27.79
N LYS A 636 -17.73 17.48 -26.90
CA LYS A 636 -16.66 17.25 -25.93
C LYS A 636 -17.01 16.05 -25.04
N PHE A 637 -18.26 15.99 -24.54
CA PHE A 637 -18.73 14.87 -23.75
C PHE A 637 -18.71 13.56 -24.55
N LEU A 638 -19.19 13.62 -25.80
CA LEU A 638 -19.29 12.42 -26.63
C LEU A 638 -17.91 11.84 -26.85
N PHE A 639 -16.93 12.70 -27.18
CA PHE A 639 -15.57 12.24 -27.38
C PHE A 639 -14.98 11.67 -26.08
N LEU A 640 -15.45 12.17 -24.94
CA LEU A 640 -14.91 11.77 -23.66
C LEU A 640 -15.47 10.40 -23.25
N LYS A 641 -16.72 10.11 -23.63
CA LYS A 641 -17.31 8.80 -23.34
C LYS A 641 -16.61 7.75 -24.20
N GLY A 642 -16.22 8.15 -25.43
CA GLY A 642 -15.43 7.34 -26.33
C GLY A 642 -14.04 7.02 -25.79
N TYR A 643 -13.33 8.04 -25.26
CA TYR A 643 -12.04 7.80 -24.61
C TYR A 643 -12.24 6.90 -23.39
N TYR A 644 -13.31 7.14 -22.62
CA TYR A 644 -13.64 6.29 -21.49
C TYR A 644 -13.95 4.88 -21.98
N PHE A 645 -14.72 4.80 -23.07
CA PHE A 645 -15.06 3.53 -23.70
C PHE A 645 -13.79 2.79 -24.12
N ILE A 646 -12.77 3.49 -24.62
CA ILE A 646 -11.60 2.83 -25.17
C ILE A 646 -10.66 2.38 -24.05
N VAL A 647 -10.74 3.05 -22.89
CA VAL A 647 -9.94 2.69 -21.72
C VAL A 647 -10.48 1.37 -21.13
N GLN A 648 -11.81 1.26 -20.97
CA GLN A 648 -12.45 0.05 -20.46
C GLN A 648 -12.10 -1.14 -21.35
N GLU A 649 -12.12 -0.93 -22.67
CA GLU A 649 -11.85 -2.00 -23.62
C GLU A 649 -10.38 -2.41 -23.53
N TRP A 650 -9.47 -1.42 -23.40
CA TRP A 650 -8.06 -1.72 -23.24
C TRP A 650 -7.81 -2.48 -21.93
N TRP A 651 -8.57 -2.13 -20.89
CA TRP A 651 -8.43 -2.75 -19.58
C TRP A 651 -8.77 -4.23 -19.67
N THR A 652 -9.92 -4.54 -20.29
CA THR A 652 -10.50 -5.87 -20.25
C THR A 652 -9.95 -6.73 -21.38
N THR A 653 -9.15 -6.13 -22.27
CA THR A 653 -8.57 -6.88 -23.39
C THR A 653 -7.05 -6.95 -23.27
N TYR A 654 -6.40 -5.84 -22.89
CA TYR A 654 -4.96 -5.80 -22.95
C TYR A 654 -4.32 -5.76 -21.55
N TYR A 655 -4.95 -5.11 -20.57
CA TYR A 655 -4.34 -5.05 -19.26
C TYR A 655 -4.48 -6.39 -18.55
N ILE A 656 -5.62 -7.06 -18.75
CA ILE A 656 -5.82 -8.39 -18.20
C ILE A 656 -4.64 -9.29 -18.57
N GLN A 657 -4.10 -9.12 -19.78
CA GLN A 657 -3.00 -9.95 -20.24
C GLN A 657 -1.70 -9.55 -19.56
N PHE A 658 -1.69 -8.36 -18.94
CA PHE A 658 -0.51 -7.85 -18.25
C PHE A 658 -0.55 -8.18 -16.76
N ILE A 659 -1.72 -8.02 -16.14
CA ILE A 659 -1.91 -8.39 -14.74
C ILE A 659 -1.73 -9.90 -14.62
N GLU A 660 -2.05 -10.61 -15.69
CA GLU A 660 -1.87 -12.03 -15.73
C GLU A 660 -0.37 -12.32 -15.69
N LEU A 661 0.43 -11.51 -16.39
CA LEU A 661 1.87 -11.72 -16.33
C LEU A 661 2.41 -11.40 -14.94
N LYS A 662 1.81 -10.40 -14.30
CA LYS A 662 2.18 -10.13 -12.93
C LYS A 662 1.92 -11.39 -12.10
N TYR A 663 0.73 -12.00 -12.26
CA TYR A 663 0.44 -13.22 -11.52
C TYR A 663 1.51 -14.26 -11.83
N LEU A 664 1.90 -14.38 -13.10
CA LEU A 664 2.86 -15.40 -13.51
C LEU A 664 4.24 -15.10 -12.98
N CYS A 665 4.64 -13.83 -12.98
CA CYS A 665 5.95 -13.50 -12.47
C CYS A 665 5.96 -13.80 -10.97
N SER A 666 4.84 -13.44 -10.31
CA SER A 666 4.69 -13.60 -8.87
C SER A 666 5.07 -15.01 -8.44
N GLY A 667 4.32 -16.00 -8.94
CA GLY A 667 4.62 -17.39 -8.68
C GLY A 667 6.07 -17.72 -9.02
N ALA A 668 6.50 -17.37 -10.24
CA ALA A 668 7.82 -17.78 -10.70
C ALA A 668 8.87 -17.47 -9.63
N ILE A 669 8.77 -16.29 -9.00
CA ILE A 669 9.66 -15.87 -7.92
C ILE A 669 9.45 -16.78 -6.69
N ASN A 670 8.31 -16.61 -6.04
CA ASN A 670 7.90 -17.48 -4.95
C ASN A 670 8.40 -18.91 -5.19
N LYS A 671 8.19 -19.46 -6.39
CA LYS A 671 8.57 -20.84 -6.68
C LYS A 671 10.07 -21.03 -6.44
N GLN A 672 10.89 -20.13 -6.97
CA GLN A 672 12.33 -20.27 -6.82
C GLN A 672 12.73 -20.14 -5.36
N GLN A 673 12.04 -19.23 -4.65
CA GLN A 673 12.17 -19.05 -3.21
C GLN A 673 11.84 -20.37 -2.50
N GLN A 674 10.72 -20.99 -2.89
CA GLN A 674 10.28 -22.20 -2.23
C GLN A 674 11.39 -23.23 -2.35
N LEU A 675 12.10 -23.23 -3.49
CA LEU A 675 13.12 -24.23 -3.75
C LEU A 675 14.28 -23.99 -2.80
N LEU A 676 14.61 -22.70 -2.61
CA LEU A 676 15.76 -22.33 -1.80
C LEU A 676 15.49 -22.57 -0.32
N ILE A 677 14.25 -22.37 0.13
CA ILE A 677 13.93 -22.70 1.51
C ILE A 677 13.92 -24.23 1.68
N THR A 678 13.47 -24.97 0.65
CA THR A 678 13.27 -26.41 0.79
C THR A 678 14.63 -27.08 0.87
N VAL A 679 15.57 -26.66 0.02
CA VAL A 679 16.91 -27.24 -0.01
C VAL A 679 17.61 -26.99 1.33
N LEU A 680 17.39 -25.81 1.93
CA LEU A 680 17.82 -25.51 3.29
C LEU A 680 17.04 -26.37 4.29
N GLU A 681 15.72 -26.51 4.09
CA GLU A 681 14.86 -27.18 5.03
C GLU A 681 15.24 -28.67 5.13
N LYS A 682 15.50 -29.29 3.98
CA LYS A 682 15.88 -30.69 3.97
C LYS A 682 17.20 -30.87 4.73
N GLN A 683 18.10 -29.88 4.61
CA GLN A 683 19.40 -29.92 5.25
C GLN A 683 19.26 -29.89 6.77
N LEU A 684 18.37 -29.04 7.29
CA LEU A 684 18.07 -28.97 8.73
C LEU A 684 17.48 -30.28 9.22
N PHE A 685 16.53 -30.82 8.44
CA PHE A 685 15.93 -32.09 8.81
C PHE A 685 17.01 -33.18 8.82
N TYR A 686 17.97 -33.11 7.88
CA TYR A 686 19.06 -34.08 7.81
C TYR A 686 19.87 -34.09 9.10
N PHE A 687 20.03 -32.92 9.74
CA PHE A 687 20.71 -32.85 11.02
C PHE A 687 19.86 -33.52 12.09
N THR A 688 18.56 -33.15 12.14
CA THR A 688 17.68 -33.52 13.26
C THR A 688 17.41 -35.02 13.24
N ASN A 689 17.10 -35.55 12.05
CA ASN A 689 16.73 -36.95 11.90
C ASN A 689 17.93 -37.85 12.22
N ASN A 690 19.16 -37.36 12.00
CA ASN A 690 20.37 -38.12 12.30
C ASN A 690 20.97 -37.70 13.64
N GLY A 691 20.25 -36.88 14.41
CA GLY A 691 20.74 -36.43 15.72
C GLY A 691 21.77 -35.31 15.58
N LEU A 692 23.02 -35.68 15.25
CA LEU A 692 24.11 -34.76 14.95
C LEU A 692 24.20 -33.64 15.99
N PHE A 693 23.97 -32.38 15.58
CA PHE A 693 24.16 -31.21 16.43
C PHE A 693 23.21 -31.25 17.63
N PRO A 694 23.64 -30.72 18.81
CA PRO A 694 22.81 -30.73 20.02
C PRO A 694 21.63 -29.77 19.97
N PHE A 695 20.86 -29.67 21.07
CA PHE A 695 19.63 -28.90 21.08
C PHE A 695 19.93 -27.41 20.91
N ASP A 696 20.84 -26.89 21.73
CA ASP A 696 21.16 -25.46 21.73
C ASP A 696 21.53 -25.03 20.31
N ALA A 697 22.41 -25.78 19.63
CA ALA A 697 22.85 -25.43 18.28
C ALA A 697 21.72 -25.69 17.27
N MET A 698 20.95 -26.75 17.48
CA MET A 698 19.91 -27.08 16.53
C MET A 698 18.87 -25.97 16.53
N GLU A 699 18.42 -25.57 17.74
CA GLU A 699 17.35 -24.60 17.94
C GLU A 699 17.73 -23.27 17.28
N ARG A 700 19.02 -22.98 17.20
CA ARG A 700 19.48 -21.71 16.67
C ARG A 700 19.35 -21.72 15.14
N MET A 701 19.74 -22.83 14.52
CA MET A 701 19.72 -22.94 13.07
C MET A 701 18.28 -22.91 12.57
N ILE A 702 17.41 -23.60 13.32
CA ILE A 702 15.98 -23.59 13.05
C ILE A 702 15.45 -22.17 13.19
N ASN A 703 15.80 -21.53 14.30
CA ASN A 703 15.34 -20.19 14.59
C ASN A 703 15.79 -19.25 13.47
N GLU A 704 17.05 -19.38 13.03
CA GLU A 704 17.65 -18.44 12.08
C GLU A 704 17.12 -18.69 10.66
N PHE A 705 16.92 -19.98 10.33
CA PHE A 705 16.35 -20.33 9.05
C PHE A 705 14.90 -19.89 8.95
N ASN A 706 14.19 -19.93 10.08
CA ASN A 706 12.83 -19.46 10.05
C ASN A 706 12.87 -17.96 9.77
N ARG A 707 13.83 -17.24 10.38
CA ARG A 707 13.86 -15.79 10.25
C ARG A 707 14.16 -15.45 8.80
N SER A 708 15.04 -16.27 8.22
CA SER A 708 15.62 -15.98 6.93
C SER A 708 14.55 -16.08 5.84
N ILE A 709 13.46 -16.79 6.14
CA ILE A 709 12.41 -17.02 5.17
C ILE A 709 11.79 -15.70 4.71
N ASP A 710 11.56 -14.78 5.65
CA ASP A 710 10.90 -13.53 5.35
C ASP A 710 11.91 -12.61 4.69
N ILE A 711 13.18 -13.01 4.73
CA ILE A 711 14.24 -12.17 4.18
C ILE A 711 14.35 -12.52 2.70
N PHE A 712 14.25 -13.82 2.38
CA PHE A 712 14.04 -14.24 1.00
C PHE A 712 12.80 -13.54 0.42
N SER A 713 11.68 -13.55 1.17
CA SER A 713 10.42 -12.94 0.75
C SER A 713 10.49 -11.40 0.72
N ARG A 714 11.54 -10.83 1.29
CA ARG A 714 11.62 -9.38 1.32
C ARG A 714 12.12 -8.93 -0.04
N ILE A 715 13.10 -9.66 -0.55
CA ILE A 715 13.73 -9.28 -1.80
C ILE A 715 12.92 -9.90 -2.94
N SER A 716 12.24 -11.00 -2.63
CA SER A 716 11.22 -11.56 -3.51
C SER A 716 10.16 -10.49 -3.85
N GLN A 717 9.67 -9.80 -2.84
CA GLN A 717 8.64 -8.80 -3.07
C GLN A 717 9.27 -7.71 -3.93
N GLN A 718 10.58 -7.48 -3.70
CA GLN A 718 11.32 -6.40 -4.33
C GLN A 718 11.44 -6.68 -5.82
N ALA A 719 11.57 -7.96 -6.13
CA ALA A 719 11.61 -8.41 -7.50
C ALA A 719 10.26 -8.15 -8.18
N LEU A 720 9.16 -8.50 -7.51
CA LEU A 720 7.81 -8.31 -8.05
C LEU A 720 7.55 -6.83 -8.30
N ASN A 721 8.06 -5.97 -7.42
CA ASN A 721 7.83 -4.55 -7.54
C ASN A 721 8.51 -4.09 -8.83
N ASN A 722 9.67 -4.70 -9.16
CA ASN A 722 10.35 -4.35 -10.40
C ASN A 722 9.52 -4.83 -11.58
N VAL A 723 8.92 -6.00 -11.44
CA VAL A 723 7.97 -6.48 -12.41
C VAL A 723 6.75 -5.57 -12.51
N ASP A 724 6.22 -5.10 -11.37
CA ASP A 724 4.99 -4.32 -11.35
C ASP A 724 5.18 -3.09 -12.23
N ILE A 725 6.36 -2.47 -12.11
CA ILE A 725 6.63 -1.21 -12.78
C ILE A 725 6.84 -1.50 -14.26
N PHE A 726 7.58 -2.58 -14.54
CA PHE A 726 7.94 -2.97 -15.89
C PHE A 726 6.70 -3.32 -16.71
N ILE A 727 5.80 -4.08 -16.10
CA ILE A 727 4.58 -4.49 -16.76
C ILE A 727 3.65 -3.29 -16.96
N ASN A 728 3.56 -2.40 -15.98
CA ASN A 728 2.65 -1.28 -16.09
C ASN A 728 3.07 -0.41 -17.27
N GLU A 729 4.38 -0.25 -17.43
CA GLU A 729 4.94 0.54 -18.51
C GLU A 729 4.52 -0.06 -19.83
N CYS A 730 4.66 -1.39 -19.93
CA CYS A 730 4.28 -2.12 -21.14
C CYS A 730 2.79 -1.97 -21.36
N ALA A 731 1.98 -2.04 -20.30
CA ALA A 731 0.53 -1.94 -20.41
C ALA A 731 0.11 -0.55 -20.91
N LEU A 732 0.75 0.47 -20.37
CA LEU A 732 0.44 1.83 -20.77
C LEU A 732 1.00 2.08 -22.17
N PHE A 733 2.14 1.47 -22.52
CA PHE A 733 2.75 1.61 -23.84
C PHE A 733 1.83 1.08 -24.94
N ILE A 734 1.20 -0.08 -24.71
CA ILE A 734 0.28 -0.67 -25.68
C ILE A 734 -0.88 0.29 -25.93
N PHE A 735 -1.43 0.88 -24.87
CA PHE A 735 -2.48 1.86 -25.04
C PHE A 735 -1.94 3.13 -25.70
N ASN A 736 -0.68 3.46 -25.42
CA ASN A 736 -0.12 4.76 -25.74
C ASN A 736 0.01 4.91 -27.26
N ASN A 737 0.54 3.88 -27.91
CA ASN A 737 0.88 3.98 -29.32
C ASN A 737 0.32 2.80 -30.11
N GLU A 738 -0.72 2.13 -29.60
CA GLU A 738 -1.36 1.07 -30.37
C GLU A 738 -2.89 1.13 -30.25
N VAL A 739 -3.42 1.79 -29.22
CA VAL A 739 -4.86 1.99 -29.11
C VAL A 739 -5.22 3.47 -29.19
N TYR A 740 -4.43 4.32 -28.54
CA TYR A 740 -4.70 5.74 -28.51
C TYR A 740 -4.56 6.35 -29.91
N PRO A 741 -3.47 6.11 -30.68
CA PRO A 741 -3.30 6.75 -31.99
C PRO A 741 -4.43 6.45 -32.99
N LEU A 742 -4.97 5.24 -32.90
CA LEU A 742 -6.09 4.84 -33.72
C LEU A 742 -7.37 5.54 -33.28
N PHE A 743 -7.48 5.83 -31.98
CA PHE A 743 -8.64 6.50 -31.42
C PHE A 743 -8.58 7.99 -31.69
N LEU A 744 -7.36 8.54 -31.74
CA LEU A 744 -7.16 9.95 -32.06
C LEU A 744 -7.52 10.23 -33.51
N ASN A 745 -7.22 9.30 -34.43
CA ASN A 745 -7.49 9.49 -35.84
C ASN A 745 -9.00 9.63 -36.06
N ASN A 746 -9.82 8.82 -35.37
CA ASN A 746 -11.27 8.99 -35.39
C ASN A 746 -11.69 10.37 -34.91
N VAL A 747 -11.12 10.85 -33.80
CA VAL A 747 -11.48 12.15 -33.25
C VAL A 747 -11.09 13.26 -34.23
N GLU A 748 -9.91 13.15 -34.87
CA GLU A 748 -9.43 14.16 -35.81
C GLU A 748 -10.39 14.30 -36.99
N ASN A 749 -10.91 13.18 -37.51
CA ASN A 749 -11.89 13.20 -38.58
C ASN A 749 -13.18 13.82 -38.08
N ASN A 750 -13.62 13.47 -36.86
CA ASN A 750 -14.88 13.96 -36.31
C ASN A 750 -14.75 15.43 -35.92
N ILE A 751 -13.51 15.89 -35.65
CA ILE A 751 -13.23 17.29 -35.34
C ILE A 751 -13.48 18.15 -36.58
N ASN A 752 -12.83 17.78 -37.70
CA ASN A 752 -12.96 18.51 -38.95
C ASN A 752 -14.40 18.42 -39.45
N LYS A 753 -15.07 17.29 -39.18
CA LYS A 753 -16.46 17.10 -39.54
C LYS A 753 -17.34 18.06 -38.75
N ALA A 754 -17.26 18.00 -37.42
CA ALA A 754 -18.06 18.84 -36.54
C ALA A 754 -17.71 20.31 -36.75
N ASN A 755 -16.43 20.59 -37.02
CA ASN A 755 -15.95 21.92 -37.38
C ASN A 755 -16.64 22.40 -38.66
N ASP A 756 -16.69 21.53 -39.67
CA ASP A 756 -17.29 21.86 -40.95
C ASP A 756 -18.81 21.91 -40.79
N ASN A 757 -19.36 21.13 -39.85
CA ASN A 757 -20.79 21.09 -39.58
C ASN A 757 -21.26 22.45 -39.07
N VAL A 758 -20.52 23.01 -38.11
CA VAL A 758 -20.88 24.29 -37.51
C VAL A 758 -20.65 25.42 -38.52
N LEU A 759 -19.63 25.29 -39.39
CA LEU A 759 -19.41 26.26 -40.47
C LEU A 759 -20.58 26.23 -41.45
N ASN A 760 -21.06 25.02 -41.76
CA ASN A 760 -22.21 24.82 -42.62
C ASN A 760 -23.49 25.28 -41.92
N TYR A 761 -23.45 25.41 -40.59
CA TYR A 761 -24.54 26.04 -39.84
C TYR A 761 -24.32 27.54 -39.73
N ILE A 762 -24.74 28.26 -40.78
CA ILE A 762 -24.85 29.71 -40.74
C ILE A 762 -26.29 30.05 -41.14
N ASN A 763 -27.23 29.96 -40.18
CA ASN A 763 -28.63 30.28 -40.38
C ASN A 763 -28.82 31.79 -40.19
N LYS A 764 -28.22 32.56 -41.12
CA LYS A 764 -28.10 34.01 -40.99
C LYS A 764 -29.39 34.69 -41.48
N ALA A 765 -30.48 34.47 -40.76
CA ALA A 765 -31.80 34.88 -41.20
C ALA A 765 -31.91 36.42 -41.23
N THR A 766 -32.78 36.93 -42.10
CA THR A 766 -32.93 38.36 -42.37
C THR A 766 -31.54 38.99 -42.48
N SER A 767 -31.35 40.18 -41.89
CA SER A 767 -30.03 40.79 -41.81
C SER A 767 -29.11 39.91 -40.94
N LEU A 768 -27.82 39.87 -41.30
CA LEU A 768 -26.85 38.98 -40.66
C LEU A 768 -25.60 39.75 -40.24
N THR A 769 -24.88 39.19 -39.26
CA THR A 769 -23.60 39.74 -38.82
C THR A 769 -22.47 38.90 -39.44
N GLU A 770 -21.87 39.44 -40.50
CA GLU A 770 -20.81 38.74 -41.23
C GLU A 770 -19.59 38.58 -40.34
N GLU A 771 -19.36 39.56 -39.46
CA GLU A 771 -18.18 39.58 -38.61
C GLU A 771 -18.35 38.63 -37.43
N GLN A 772 -19.57 38.56 -36.87
CA GLN A 772 -19.84 37.91 -35.59
C GLN A 772 -19.57 36.40 -35.66
N ILE A 773 -19.83 35.78 -36.82
CA ILE A 773 -19.62 34.35 -37.02
C ILE A 773 -18.17 33.97 -36.67
N LYS A 774 -17.22 34.83 -37.05
CA LYS A 774 -15.79 34.59 -36.84
C LYS A 774 -15.45 34.66 -35.34
N GLU A 775 -16.23 35.46 -34.59
CA GLU A 775 -16.14 35.48 -33.14
C GLU A 775 -16.74 34.20 -32.58
N LEU A 776 -17.87 33.79 -33.14
CA LEU A 776 -18.50 32.52 -32.78
C LEU A 776 -17.59 31.37 -33.21
N THR A 777 -16.83 31.56 -34.30
CA THR A 777 -15.95 30.54 -34.86
C THR A 777 -14.88 30.10 -33.85
N VAL A 778 -14.14 31.06 -33.31
CA VAL A 778 -13.01 30.77 -32.43
C VAL A 778 -13.50 30.01 -31.20
N LYS A 779 -14.70 30.34 -30.72
CA LYS A 779 -15.31 29.67 -29.58
C LYS A 779 -15.53 28.19 -29.89
N TYR A 780 -16.00 27.91 -31.12
CA TYR A 780 -16.46 26.58 -31.51
C TYR A 780 -15.69 26.07 -32.73
N THR A 781 -14.46 26.57 -32.92
CA THR A 781 -13.55 26.05 -33.95
C THR A 781 -13.19 24.59 -33.68
N PHE A 782 -13.25 24.16 -32.41
CA PHE A 782 -12.82 22.83 -31.97
C PHE A 782 -11.30 22.71 -32.07
N SER A 783 -10.61 23.86 -32.02
CA SER A 783 -9.17 23.93 -32.15
C SER A 783 -8.49 23.30 -30.93
N SER A 784 -9.27 23.07 -29.86
CA SER A 784 -8.75 22.66 -28.57
C SER A 784 -8.64 21.13 -28.47
N ILE A 785 -7.75 20.57 -29.31
CA ILE A 785 -7.44 19.14 -29.34
C ILE A 785 -6.86 18.72 -28.00
N ALA A 786 -6.02 19.56 -27.40
CA ALA A 786 -5.38 19.26 -26.12
C ALA A 786 -6.40 19.41 -24.98
N GLU A 787 -7.31 20.37 -25.10
CA GLU A 787 -8.28 20.64 -24.04
C GLU A 787 -9.22 19.44 -23.89
N VAL A 788 -9.64 18.87 -25.03
CA VAL A 788 -10.51 17.71 -25.01
C VAL A 788 -9.73 16.48 -24.56
N GLU A 789 -8.41 16.47 -24.84
CA GLU A 789 -7.53 15.38 -24.42
C GLU A 789 -7.58 15.24 -22.89
N PHE A 790 -7.81 14.00 -22.41
CA PHE A 790 -7.77 13.69 -20.99
C PHE A 790 -6.76 12.57 -20.72
N PHE A 791 -5.68 12.52 -21.51
CA PHE A 791 -4.64 11.50 -21.36
C PHE A 791 -3.63 11.91 -20.30
N ASN A 792 -4.10 11.95 -19.04
CA ASN A 792 -3.22 12.11 -17.90
C ASN A 792 -2.61 10.74 -17.60
N GLU A 793 -1.32 10.59 -17.92
CA GLU A 793 -0.64 9.32 -17.70
C GLU A 793 -0.71 8.91 -16.22
N SER A 794 -0.94 9.89 -15.33
CA SER A 794 -1.19 9.65 -13.91
C SER A 794 -2.36 8.70 -13.71
N TYR A 795 -3.41 8.87 -14.52
CA TYR A 795 -4.65 8.12 -14.38
C TYR A 795 -4.38 6.63 -14.55
N PHE A 796 -3.61 6.26 -15.57
CA PHE A 796 -3.27 4.86 -15.83
C PHE A 796 -2.39 4.30 -14.71
N LYS A 797 -1.50 5.13 -14.15
CA LYS A 797 -0.68 4.68 -13.04
C LYS A 797 -1.56 4.48 -11.81
N LYS A 798 -2.58 5.34 -11.64
CA LYS A 798 -3.43 5.32 -10.46
C LYS A 798 -4.24 4.01 -10.38
N ILE A 799 -4.62 3.48 -11.55
CA ILE A 799 -5.41 2.24 -11.60
C ILE A 799 -4.52 0.99 -11.60
N THR A 800 -3.25 1.10 -12.02
CA THR A 800 -2.45 -0.09 -12.26
C THR A 800 -1.27 -0.21 -11.30
N ASN A 801 -1.14 0.70 -10.34
CA ASN A 801 0.02 0.71 -9.46
C ASN A 801 -0.33 -0.05 -8.18
N MET A 802 0.53 -1.03 -7.83
CA MET A 802 0.40 -1.83 -6.61
C MET A 802 -1.02 -2.40 -6.56
N ASP A 803 -1.52 -2.82 -7.72
CA ASP A 803 -2.89 -3.30 -7.84
C ASP A 803 -3.01 -4.66 -7.17
N ILE A 804 -1.93 -5.47 -7.31
CA ILE A 804 -1.73 -6.67 -6.52
C ILE A 804 -0.42 -6.57 -5.73
N LYS A 805 -0.55 -5.94 -4.57
CA LYS A 805 0.60 -5.54 -3.78
C LYS A 805 0.73 -6.49 -2.58
N ASN A 806 1.99 -6.67 -2.17
CA ASN A 806 2.35 -7.42 -0.98
C ASN A 806 1.82 -8.85 -1.09
N ILE A 807 1.94 -9.44 -2.28
CA ILE A 807 1.60 -10.84 -2.47
C ILE A 807 2.52 -11.71 -1.63
N LEU A 808 3.83 -11.44 -1.64
CA LEU A 808 4.81 -12.25 -0.92
C LEU A 808 4.79 -11.91 0.57
N THR A 809 5.12 -10.65 0.90
CA THR A 809 5.07 -10.22 2.28
C THR A 809 4.53 -8.80 2.37
N ASN A 810 4.01 -8.46 3.55
CA ASN A 810 3.55 -7.13 3.89
C ASN A 810 4.73 -6.22 4.19
N ILE A 811 5.93 -6.82 4.38
CA ILE A 811 7.08 -6.13 4.95
C ILE A 811 7.63 -5.15 3.92
N LYS A 812 7.73 -3.88 4.32
CA LYS A 812 8.15 -2.80 3.44
C LYS A 812 9.67 -2.79 3.43
N ASN A 813 10.24 -1.67 3.00
CA ASN A 813 11.67 -1.45 3.14
C ASN A 813 12.06 -1.65 4.60
N ILE A 814 13.22 -2.28 4.79
CA ILE A 814 13.70 -2.65 6.10
C ILE A 814 15.00 -1.89 6.34
N ASN A 815 15.28 -1.58 7.61
CA ASN A 815 16.48 -0.87 8.00
C ASN A 815 16.44 0.53 7.41
N ASN A 816 15.24 1.08 7.39
CA ASN A 816 15.04 2.43 6.92
C ASN A 816 14.48 3.24 8.06
N LEU A 817 15.21 4.28 8.43
CA LEU A 817 14.80 5.14 9.52
C LEU A 817 15.51 6.49 9.36
N ILE A 818 14.76 7.56 9.61
CA ILE A 818 15.30 8.91 9.51
C ILE A 818 15.12 9.67 10.81
N LEU A 819 13.97 9.47 11.48
CA LEU A 819 13.78 9.95 12.84
C LEU A 819 13.96 11.45 12.90
N SER A 820 13.06 12.19 12.27
CA SER A 820 13.02 13.61 12.54
C SER A 820 12.07 13.89 13.71
N GLY A 821 11.80 15.17 13.91
CA GLY A 821 10.92 15.58 14.98
C GLY A 821 10.40 16.99 14.70
N SER A 822 9.32 17.33 15.42
CA SER A 822 8.64 18.60 15.24
C SER A 822 8.08 19.05 16.57
N GLN A 823 7.80 20.36 16.65
CA GLN A 823 7.18 20.94 17.84
C GLN A 823 5.80 21.48 17.49
N ILE A 824 4.91 21.45 18.49
CA ILE A 824 3.60 22.07 18.43
C ILE A 824 3.16 22.50 19.85
N ASN A 825 2.71 23.74 20.01
CA ASN A 825 2.41 24.34 21.30
C ASN A 825 3.67 24.26 22.16
N ASP A 826 3.57 23.56 23.30
CA ASP A 826 4.71 23.21 24.14
C ASP A 826 5.05 21.73 23.92
N ASP A 827 4.36 21.10 22.97
CA ASP A 827 4.39 19.65 22.77
C ASP A 827 5.22 19.32 21.53
N ILE A 828 5.79 18.11 21.55
CA ILE A 828 6.75 17.70 20.54
C ILE A 828 6.23 16.42 19.90
N THR A 829 6.78 16.09 18.73
CA THR A 829 6.49 14.82 18.10
C THR A 829 7.81 14.24 17.58
N ILE A 830 7.91 12.91 17.56
CA ILE A 830 9.06 12.21 17.02
C ILE A 830 8.54 11.06 16.18
N PHE A 831 8.97 11.04 14.93
CA PHE A 831 8.44 10.09 13.97
C PHE A 831 9.57 9.60 13.07
N ASP A 832 9.29 8.53 12.33
CA ASP A 832 10.14 8.13 11.22
C ASP A 832 9.77 8.96 10.00
N GLU A 833 10.72 9.76 9.50
CA GLU A 833 10.45 10.64 8.36
C GLU A 833 10.07 9.78 7.15
N SER A 834 10.77 8.65 7.00
CA SER A 834 10.62 7.71 5.89
C SER A 834 9.33 6.91 6.03
N GLY A 835 8.68 7.02 7.19
CA GLY A 835 7.42 6.35 7.41
C GLY A 835 7.57 4.83 7.40
N ASN A 836 8.64 4.34 8.07
CA ASN A 836 8.84 2.91 8.27
C ASN A 836 9.21 2.65 9.73
N ASN A 837 8.44 1.77 10.36
CA ASN A 837 8.64 1.46 11.75
C ASN A 837 8.18 2.67 12.56
N LEU A 838 6.88 2.97 12.46
CA LEU A 838 6.35 4.22 12.96
C LEU A 838 5.89 4.08 14.42
N ASN A 839 6.03 2.88 15.00
CA ASN A 839 5.59 2.64 16.37
C ASN A 839 6.61 3.18 17.37
N ILE A 840 6.94 4.47 17.29
CA ILE A 840 8.04 5.01 18.09
C ILE A 840 7.48 5.49 19.42
N LYS A 841 8.34 5.47 20.44
CA LYS A 841 7.99 5.92 21.78
C LYS A 841 9.07 6.89 22.28
N PHE A 842 8.65 7.89 23.06
CA PHE A 842 9.55 8.83 23.70
C PHE A 842 8.81 9.59 24.78
N ASP A 843 9.54 10.24 25.68
CA ASP A 843 8.90 11.08 26.69
C ASP A 843 8.91 12.52 26.19
N PRO A 844 7.88 13.31 26.49
CA PRO A 844 7.76 14.64 25.90
C PRO A 844 8.68 15.61 26.62
N SER A 845 9.42 15.10 27.61
CA SER A 845 10.31 15.94 28.41
C SER A 845 11.46 16.40 27.56
N ILE A 846 11.70 15.69 26.46
CA ILE A 846 12.76 16.03 25.52
C ILE A 846 12.45 17.36 24.84
N ARG A 847 13.44 18.24 24.80
CA ARG A 847 13.29 19.54 24.17
C ARG A 847 13.92 19.48 22.78
N ILE A 848 13.24 20.07 21.78
CA ILE A 848 13.75 20.15 20.41
C ILE A 848 14.33 21.53 20.15
N VAL A 849 15.64 21.58 19.87
CA VAL A 849 16.40 22.82 19.82
C VAL A 849 17.22 22.81 18.55
N ASP A 850 17.58 24.00 18.08
CA ASP A 850 18.35 24.12 16.85
C ASP A 850 19.75 23.58 17.09
N GLY A 851 20.25 22.93 16.03
CA GLY A 851 21.55 22.26 16.06
C GLY A 851 22.35 22.59 14.80
N HIS A 852 22.96 21.59 14.19
CA HIS A 852 23.76 21.76 13.01
C HIS A 852 22.84 21.64 11.80
N THR A 853 22.46 22.78 11.23
CA THR A 853 21.68 22.78 10.01
C THR A 853 20.29 22.16 10.19
N ASN A 854 19.93 21.82 11.43
CA ASN A 854 18.67 21.14 11.70
C ASN A 854 18.17 21.48 13.08
N VAL A 855 17.20 20.67 13.53
CA VAL A 855 16.76 20.68 14.91
C VAL A 855 17.28 19.40 15.57
N ALA A 856 17.81 19.54 16.79
CA ALA A 856 18.35 18.44 17.58
C ALA A 856 17.47 18.20 18.81
N PHE A 857 17.38 16.91 19.18
CA PHE A 857 16.76 16.49 20.42
C PHE A 857 17.75 16.68 21.58
N LYS A 858 17.33 17.40 22.63
CA LYS A 858 18.20 17.62 23.78
C LYS A 858 17.89 16.55 24.83
N LEU A 859 18.72 15.50 24.83
CA LEU A 859 18.67 14.48 25.86
C LEU A 859 19.51 14.93 27.05
N ASP A 860 18.85 15.64 27.96
CA ASP A 860 19.47 16.18 29.16
C ASP A 860 19.48 15.14 30.27
N LYS A 861 18.28 14.68 30.67
CA LYS A 861 18.07 13.84 31.84
C LYS A 861 18.34 12.37 31.52
N SER A 862 18.64 11.59 32.55
CA SER A 862 18.88 10.17 32.38
C SER A 862 17.55 9.49 32.04
N SER A 863 16.47 9.99 32.64
CA SER A 863 15.14 9.44 32.44
C SER A 863 14.69 9.57 30.99
N GLN A 864 15.21 10.61 30.33
CA GLN A 864 14.82 10.85 28.95
C GLN A 864 15.34 9.73 28.04
N TYR A 865 14.53 9.42 27.02
CA TYR A 865 14.78 8.29 26.14
C TYR A 865 14.06 8.46 24.80
N ILE A 866 14.51 7.68 23.81
CA ILE A 866 13.80 7.49 22.55
C ILE A 866 13.91 6.01 22.21
N ASN A 867 12.75 5.42 21.99
CA ASN A 867 12.61 3.98 21.97
C ASN A 867 12.03 3.60 20.62
N ILE A 868 12.85 2.98 19.79
CA ILE A 868 12.51 2.70 18.41
C ILE A 868 12.42 1.19 18.27
N PRO A 869 11.22 0.61 18.01
CA PRO A 869 11.06 -0.86 17.96
C PRO A 869 11.80 -1.46 16.77
N THR A 870 12.11 -2.76 16.80
CA THR A 870 12.84 -3.36 15.70
C THR A 870 11.97 -4.36 14.95
N GLU A 871 10.71 -3.95 14.71
CA GLU A 871 9.70 -4.80 14.08
C GLU A 871 10.08 -5.06 12.63
N ASN A 872 10.63 -4.04 11.95
CA ASN A 872 11.12 -4.23 10.60
C ASN A 872 12.60 -3.87 10.52
N ILE A 873 13.30 -3.84 11.67
CA ILE A 873 14.74 -3.59 11.65
C ILE A 873 15.50 -4.88 11.93
N ASN A 874 15.93 -5.53 10.84
CA ASN A 874 16.65 -6.81 10.85
C ASN A 874 18.14 -6.54 11.02
N PHE A 875 18.79 -7.42 11.79
CA PHE A 875 20.21 -7.30 12.11
C PHE A 875 20.82 -8.68 12.04
N SER A 876 20.15 -9.56 11.28
CA SER A 876 20.65 -10.90 11.00
C SER A 876 21.98 -10.75 10.28
N PHE A 877 22.74 -11.84 10.21
CA PHE A 877 24.04 -11.81 9.57
C PHE A 877 23.91 -11.58 8.06
N MET A 878 22.71 -11.85 7.50
CA MET A 878 22.43 -11.64 6.09
C MET A 878 22.02 -10.20 5.78
N GLU A 879 21.89 -9.36 6.82
CA GLU A 879 21.41 -8.01 6.63
C GLU A 879 22.51 -6.98 6.94
N SER A 880 22.96 -6.28 5.88
CA SER A 880 23.92 -5.19 5.99
C SER A 880 23.19 -3.87 6.26
N PHE A 881 23.77 -3.02 7.12
CA PHE A 881 23.14 -1.76 7.49
C PHE A 881 24.17 -0.73 7.89
N SER A 882 23.71 0.52 8.02
CA SER A 882 24.55 1.59 8.48
C SER A 882 23.73 2.53 9.35
N ILE A 883 24.44 3.27 10.19
CA ILE A 883 23.84 4.19 11.14
C ILE A 883 24.58 5.50 10.96
N ASP A 884 23.83 6.62 10.95
CA ASP A 884 24.36 7.94 10.62
C ASP A 884 23.59 8.99 11.41
N PHE A 885 24.35 9.88 12.06
CA PHE A 885 23.75 10.90 12.87
C PHE A 885 24.76 11.99 13.18
N TRP A 886 24.24 13.09 13.74
CA TRP A 886 25.05 14.16 14.25
C TRP A 886 24.91 14.23 15.77
N LEU A 887 26.05 14.30 16.46
CA LEU A 887 26.09 14.30 17.92
C LEU A 887 26.99 15.43 18.42
N LYS A 888 26.50 16.10 19.47
CA LYS A 888 27.33 16.99 20.27
C LYS A 888 27.18 16.64 21.75
N ILE A 889 28.31 16.56 22.47
CA ILE A 889 28.31 16.29 23.89
C ILE A 889 28.25 17.61 24.65
N LEU A 890 27.11 17.87 25.31
CA LEU A 890 26.85 19.21 25.81
C LEU A 890 27.83 19.53 26.95
N ASP A 891 27.97 18.58 27.87
CA ASP A 891 28.75 18.81 29.06
C ASP A 891 29.93 17.85 29.04
N SER A 892 30.94 18.16 29.83
CA SER A 892 32.14 17.35 29.89
C SER A 892 31.83 16.05 30.64
N THR A 893 31.59 14.96 29.89
CA THR A 893 31.26 13.66 30.46
C THR A 893 32.29 12.62 30.01
N GLU A 894 32.70 11.73 30.91
CA GLU A 894 33.71 10.74 30.60
C GLU A 894 33.06 9.44 30.13
N SER A 895 31.90 9.07 30.68
CA SER A 895 31.32 7.75 30.45
C SER A 895 29.79 7.82 30.46
N THR A 896 29.20 7.82 29.26
CA THR A 896 27.75 7.84 29.09
C THR A 896 27.36 6.89 27.96
N THR A 897 26.10 6.45 27.95
CA THR A 897 25.59 5.64 26.85
C THR A 897 24.80 6.51 25.89
N LEU A 898 24.79 6.14 24.61
CA LEU A 898 24.05 6.91 23.63
C LEU A 898 22.94 6.03 23.06
N LEU A 899 23.36 4.85 22.60
CA LEU A 899 22.54 3.93 21.84
C LEU A 899 22.67 2.55 22.47
N ASN A 900 21.65 1.72 22.22
CA ASN A 900 21.55 0.41 22.81
C ASN A 900 20.53 -0.41 22.04
N CYS A 901 20.97 -1.57 21.56
CA CYS A 901 20.09 -2.51 20.88
C CYS A 901 20.48 -3.92 21.30
N ILE A 902 20.70 -4.12 22.61
CA ILE A 902 21.16 -5.39 23.18
C ILE A 902 20.14 -5.95 24.17
N GLU A 903 19.95 -7.26 24.05
CA GLU A 903 19.01 -8.05 24.83
C GLU A 903 19.74 -9.31 25.26
N ASP A 904 19.78 -9.56 26.58
CA ASP A 904 20.44 -10.74 27.12
C ASP A 904 21.86 -10.82 26.59
N ASP A 905 22.54 -9.67 26.53
CA ASP A 905 23.94 -9.63 26.15
C ASP A 905 24.13 -10.11 24.71
N ILE A 906 23.15 -9.82 23.86
CA ILE A 906 23.25 -10.04 22.42
C ILE A 906 22.68 -8.82 21.70
N GLY A 907 23.34 -8.40 20.62
CA GLY A 907 23.00 -7.17 19.93
C GLY A 907 24.20 -6.23 19.81
N TRP A 908 23.95 -4.92 19.78
CA TRP A 908 24.96 -3.91 19.50
C TRP A 908 24.59 -2.65 20.24
N LYS A 909 25.61 -1.90 20.68
CA LYS A 909 25.40 -0.65 21.40
C LYS A 909 26.56 0.29 21.12
N LEU A 910 26.28 1.58 21.31
CA LEU A 910 27.23 2.65 21.14
C LEU A 910 27.15 3.59 22.33
N SER A 911 28.34 3.94 22.83
CA SER A 911 28.43 4.59 24.12
C SER A 911 29.71 5.41 24.15
N ILE A 912 29.88 6.22 25.19
CA ILE A 912 31.05 7.07 25.33
C ILE A 912 31.88 6.52 26.48
N GLN A 913 33.17 6.35 26.20
CA GLN A 913 34.11 5.80 27.16
C GLN A 913 35.36 6.69 27.18
N ASN A 914 35.44 7.52 28.23
CA ASN A 914 36.56 8.43 28.43
C ASN A 914 36.68 9.33 27.20
N ASN A 915 35.57 10.01 26.86
CA ASN A 915 35.48 10.93 25.73
C ASN A 915 35.78 10.23 24.41
N ASN A 916 35.69 8.89 24.40
CA ASN A 916 35.93 8.11 23.20
C ASN A 916 34.69 7.27 22.90
N LEU A 917 34.34 7.20 21.62
CA LEU A 917 33.21 6.41 21.18
C LEU A 917 33.54 4.94 21.38
N LEU A 918 32.54 4.19 21.84
CA LEU A 918 32.70 2.77 22.09
C LEU A 918 31.57 2.00 21.41
N TRP A 919 31.94 1.33 20.33
CA TRP A 919 30.99 0.54 19.55
C TRP A 919 31.31 -0.93 19.78
N GLU A 920 30.40 -1.64 20.43
CA GLU A 920 30.55 -3.08 20.56
C GLU A 920 29.29 -3.75 20.05
N MET A 921 29.48 -4.97 19.53
CA MET A 921 28.42 -5.78 18.96
C MET A 921 28.81 -7.25 19.04
N LYS A 922 27.87 -8.08 19.54
CA LYS A 922 28.13 -9.48 19.83
C LYS A 922 26.86 -10.28 19.54
N ASP A 923 27.07 -11.50 19.06
CA ASP A 923 26.04 -12.26 18.37
C ASP A 923 25.57 -13.37 19.32
N ASN A 924 24.66 -14.22 18.80
CA ASN A 924 24.04 -15.30 19.54
C ASN A 924 25.02 -16.43 19.84
N LEU A 925 26.12 -16.48 19.08
CA LEU A 925 27.06 -17.59 19.22
C LEU A 925 28.13 -17.25 20.27
N GLY A 926 28.16 -15.99 20.71
CA GLY A 926 29.11 -15.56 21.73
C GLY A 926 30.36 -14.91 21.13
N ASN A 927 30.33 -14.62 19.83
CA ASN A 927 31.41 -13.89 19.18
C ASN A 927 31.21 -12.39 19.38
N ASN A 928 32.17 -11.77 20.06
CA ASN A 928 32.11 -10.36 20.37
C ASN A 928 33.08 -9.61 19.46
N PHE A 929 32.68 -8.42 19.04
CA PHE A 929 33.56 -7.46 18.39
C PHE A 929 33.31 -6.07 18.97
N THR A 930 34.40 -5.34 19.23
CA THR A 930 34.32 -4.05 19.91
C THR A 930 35.34 -3.11 19.25
N SER A 931 34.99 -1.81 19.15
CA SER A 931 35.83 -0.82 18.49
C SER A 931 35.77 0.51 19.25
N LEU A 932 36.95 1.06 19.56
CA LEU A 932 37.06 2.27 20.36
C LEU A 932 37.63 3.40 19.50
N PHE A 933 36.75 4.30 19.02
CA PHE A 933 37.18 5.51 18.31
C PHE A 933 37.67 6.54 19.33
N THR A 934 38.95 6.89 19.20
CA THR A 934 39.65 7.69 20.20
C THR A 934 39.96 9.06 19.62
N PHE A 935 38.99 9.64 18.89
CA PHE A 935 39.18 10.95 18.29
C PHE A 935 38.58 12.02 19.19
N ASN A 936 38.23 11.61 20.42
CA ASN A 936 38.15 12.49 21.56
C ASN A 936 37.09 13.55 21.27
N ILE A 937 35.84 13.08 21.26
CA ILE A 937 34.72 13.98 21.10
C ILE A 937 34.76 14.97 22.25
N ASN A 938 34.86 16.26 21.89
CA ASN A 938 35.02 17.30 22.88
C ASN A 938 34.03 18.41 22.60
N ASN A 939 32.78 18.16 22.99
CA ASN A 939 31.80 19.22 23.09
C ASN A 939 31.69 19.95 21.76
N ILE A 940 31.72 19.20 20.64
CA ILE A 940 31.70 19.75 19.30
C ILE A 940 30.83 18.88 18.40
N TRP A 941 30.11 19.52 17.46
CA TRP A 941 29.31 18.81 16.46
C TRP A 941 30.18 17.86 15.62
N HIS A 942 29.74 16.59 15.57
CA HIS A 942 30.44 15.51 14.86
C HIS A 942 29.45 14.62 14.09
N ASN A 943 29.78 14.26 12.84
CA ASN A 943 28.94 13.40 12.00
C ASN A 943 29.37 11.93 12.13
N ILE A 944 28.70 11.17 13.01
CA ILE A 944 29.07 9.79 13.32
C ILE A 944 28.25 8.79 12.48
N THR A 945 28.89 8.22 11.46
CA THR A 945 28.23 7.31 10.56
C THR A 945 29.06 6.04 10.50
N LEU A 946 28.41 4.88 10.65
CA LEU A 946 29.15 3.63 10.79
C LEU A 946 28.31 2.51 10.22
N SER A 947 28.96 1.77 9.30
CA SER A 947 28.33 0.90 8.32
C SER A 947 28.83 -0.53 8.51
N ILE A 948 27.88 -1.47 8.51
CA ILE A 948 28.12 -2.88 8.71
C ILE A 948 27.77 -3.57 7.40
N ASP A 949 28.80 -3.88 6.62
CA ASP A 949 28.63 -4.50 5.33
C ASP A 949 28.75 -6.01 5.52
N ARG A 950 27.63 -6.72 5.39
CA ARG A 950 27.56 -8.17 5.59
C ARG A 950 27.94 -8.93 4.34
N LEU A 951 28.08 -8.23 3.21
CA LEU A 951 28.54 -8.88 2.01
C LEU A 951 30.03 -9.21 2.14
N THR A 952 30.86 -8.22 2.49
CA THR A 952 32.29 -8.42 2.60
C THR A 952 32.70 -8.74 4.03
N ASN A 953 31.75 -8.67 4.96
CA ASN A 953 32.02 -8.80 6.38
C ASN A 953 33.01 -7.71 6.77
N THR A 954 32.63 -6.46 6.51
CA THR A 954 33.44 -5.31 6.87
C THR A 954 32.62 -4.38 7.76
N PHE A 955 33.26 -3.90 8.83
CA PHE A 955 32.68 -2.88 9.69
C PHE A 955 33.44 -1.57 9.48
N ASN A 956 32.80 -0.57 8.87
CA ASN A 956 33.42 0.72 8.61
C ASN A 956 32.82 1.76 9.55
N CYS A 957 33.66 2.68 10.01
CA CYS A 957 33.23 3.81 10.83
C CYS A 957 33.77 5.10 10.24
N PHE A 958 32.86 6.01 9.83
CA PHE A 958 33.25 7.32 9.32
C PHE A 958 32.93 8.40 10.36
N LEU A 959 33.90 9.28 10.62
CA LEU A 959 33.67 10.45 11.45
C LEU A 959 33.91 11.72 10.61
N ASP A 960 32.90 12.59 10.58
CA ASP A 960 32.93 13.84 9.85
C ASP A 960 33.33 13.59 8.39
N GLY A 961 32.83 12.47 7.84
CA GLY A 961 33.03 12.12 6.45
C GLY A 961 34.37 11.44 6.16
N LYS A 962 35.05 10.95 7.21
CA LYS A 962 36.38 10.41 7.05
C LYS A 962 36.47 9.02 7.69
N LEU A 963 36.92 8.03 6.90
CA LEU A 963 36.87 6.63 7.31
C LEU A 963 37.98 6.36 8.30
N ILE A 964 37.71 5.50 9.30
CA ILE A 964 38.67 5.25 10.35
C ILE A 964 39.00 3.76 10.45
N ASN A 965 38.08 2.93 10.92
CA ASN A 965 38.47 1.61 11.37
C ASN A 965 38.51 0.60 10.21
N THR A 966 37.38 0.36 9.53
CA THR A 966 37.35 -0.62 8.44
C THR A 966 37.91 -1.98 8.89
N ASP A 967 37.45 -2.49 10.04
CA ASP A 967 37.86 -3.80 10.52
C ASP A 967 37.02 -4.87 9.81
N ASN A 968 37.36 -6.14 10.06
CA ASN A 968 36.65 -7.28 9.46
C ASN A 968 35.74 -7.92 10.50
N ILE A 969 34.47 -8.16 10.12
CA ILE A 969 33.42 -8.56 11.05
C ILE A 969 33.06 -10.04 10.83
N SER A 970 33.92 -10.74 10.09
CA SER A 970 33.59 -12.07 9.57
C SER A 970 33.23 -13.05 10.69
N ASN A 971 33.78 -12.84 11.89
CA ASN A 971 33.63 -13.79 12.98
C ASN A 971 32.28 -13.62 13.65
N ILE A 972 31.52 -12.62 13.20
CA ILE A 972 30.31 -12.20 13.90
C ILE A 972 29.10 -12.48 13.01
N PHE A 973 28.19 -13.30 13.56
CA PHE A 973 26.97 -13.70 12.88
C PHE A 973 25.78 -12.90 13.44
N SER A 974 24.57 -13.46 13.30
CA SER A 974 23.33 -12.73 13.52
C SER A 974 23.22 -12.26 14.96
N LEU A 975 22.88 -10.97 15.13
CA LEU A 975 22.65 -10.39 16.44
C LEU A 975 21.30 -9.68 16.46
N GLU A 976 20.38 -10.31 15.73
CA GLU A 976 18.99 -9.94 15.83
C GLU A 976 18.50 -10.30 17.23
N THR A 977 17.72 -9.39 17.79
CA THR A 977 17.16 -9.49 19.12
C THR A 977 15.85 -8.73 19.07
N ASN A 978 14.96 -9.03 20.00
CA ASN A 978 13.66 -8.41 19.91
C ASN A 978 13.73 -7.00 20.48
N THR A 979 14.67 -6.71 21.40
CA THR A 979 14.59 -5.45 22.13
C THR A 979 14.80 -4.30 21.17
N PRO A 980 14.04 -3.21 21.39
CA PRO A 980 14.06 -2.05 20.49
C PRO A 980 15.42 -1.36 20.51
N ILE A 981 15.56 -0.30 19.72
CA ILE A 981 16.71 0.58 19.80
C ILE A 981 16.38 1.67 20.80
N GLU A 982 17.17 1.73 21.87
CA GLU A 982 16.99 2.73 22.90
C GLU A 982 18.06 3.81 22.73
N ILE A 983 17.63 5.08 22.83
CA ILE A 983 18.52 6.25 22.82
C ILE A 983 18.31 7.01 24.13
N GLN A 984 19.24 6.87 25.09
CA GLN A 984 19.21 7.69 26.28
C GLN A 984 20.63 7.87 26.80
N SER A 985 20.88 9.05 27.39
CA SER A 985 22.21 9.50 27.76
C SER A 985 22.73 8.73 28.96
N ASP A 986 21.95 8.70 30.04
CA ASP A 986 22.27 7.84 31.17
C ASP A 986 23.29 8.48 32.11
N ASN A 987 24.08 9.43 31.60
CA ASN A 987 25.13 10.01 32.42
C ASN A 987 25.38 11.45 32.01
N GLY A 988 24.95 11.82 30.80
CA GLY A 988 25.29 13.08 30.19
C GLY A 988 24.09 13.78 29.58
N ALA A 989 24.39 14.94 29.02
CA ALA A 989 23.47 15.66 28.16
C ALA A 989 24.09 15.64 26.79
N ILE A 990 23.26 15.31 25.80
CA ILE A 990 23.72 15.22 24.43
C ILE A 990 22.74 15.95 23.53
N LEU A 991 23.25 16.35 22.36
CA LEU A 991 22.40 16.78 21.28
C LEU A 991 22.52 15.77 20.15
N LEU A 992 21.39 15.17 19.78
CA LEU A 992 21.39 14.20 18.70
C LEU A 992 20.50 14.73 17.58
N GLU A 993 20.86 14.40 16.34
CA GLU A 993 20.25 15.06 15.21
C GLU A 993 20.49 14.21 13.97
N ALA A 994 19.44 14.06 13.16
CA ALA A 994 19.58 13.47 11.84
C ALA A 994 19.95 12.01 11.97
N PHE A 995 19.27 11.31 12.89
CA PHE A 995 19.65 9.95 13.21
C PHE A 995 19.00 9.02 12.19
N SER A 996 19.83 8.48 11.30
CA SER A 996 19.36 7.66 10.20
C SER A 996 19.96 6.26 10.30
N ILE A 997 19.13 5.25 10.11
CA ILE A 997 19.62 3.91 9.87
C ILE A 997 19.23 3.49 8.45
N LEU A 998 20.22 2.92 7.75
CA LEU A 998 20.12 2.73 6.31
C LEU A 998 20.23 1.25 5.95
N ASN A 999 19.56 0.91 4.85
CA ASN A 999 19.35 -0.46 4.40
C ASN A 999 20.65 -1.04 3.87
N TYR A 1000 21.58 -0.19 3.44
CA TYR A 1000 22.78 -0.62 2.75
C TYR A 1000 24.00 -0.07 3.48
N PRO A 1001 25.17 -0.74 3.35
CA PRO A 1001 26.39 -0.28 4.02
C PRO A 1001 27.05 0.85 3.25
N LEU A 1002 27.21 2.00 3.90
CA LEU A 1002 27.73 3.18 3.22
C LEU A 1002 29.22 3.00 2.92
N GLN A 1003 29.69 3.71 1.89
CA GLN A 1003 31.09 3.76 1.56
C GLN A 1003 31.62 5.18 1.75
N GLN A 1004 32.93 5.32 1.59
CA GLN A 1004 33.63 6.58 1.82
C GLN A 1004 33.00 7.68 0.96
N GLN A 1005 32.75 7.36 -0.32
CA GLN A 1005 32.33 8.35 -1.29
C GLN A 1005 30.98 8.94 -0.92
N GLU A 1006 30.02 8.05 -0.66
CA GLU A 1006 28.64 8.47 -0.38
C GLU A 1006 28.55 9.16 0.98
N VAL A 1007 29.36 8.71 1.96
CA VAL A 1007 29.35 9.32 3.28
C VAL A 1007 29.80 10.77 3.18
N LEU A 1008 30.84 11.00 2.37
CA LEU A 1008 31.39 12.33 2.21
C LEU A 1008 30.34 13.25 1.57
N ASN A 1009 29.58 12.73 0.60
CA ASN A 1009 28.49 13.47 0.01
C ASN A 1009 27.49 13.90 1.08
N ARG A 1010 27.12 12.98 1.97
CA ARG A 1010 26.15 13.22 3.02
C ARG A 1010 26.67 14.27 4.01
N TYR A 1011 27.97 14.18 4.35
CA TYR A 1011 28.63 15.16 5.18
C TYR A 1011 28.58 16.56 4.54
N ARG A 1012 28.81 16.63 3.23
CA ARG A 1012 28.91 17.91 2.57
C ARG A 1012 27.54 18.56 2.46
N GLU A 1013 26.49 17.76 2.24
CA GLU A 1013 25.14 18.29 2.09
C GLU A 1013 24.70 18.98 3.39
N ALA A 1014 25.33 18.61 4.50
CA ALA A 1014 24.92 19.14 5.79
C ALA A 1014 25.44 20.57 5.96
N PHE A 1015 26.27 21.03 5.01
CA PHE A 1015 26.81 22.37 5.08
C PHE A 1015 26.22 23.25 3.99
N SER A 1016 25.27 22.72 3.22
CA SER A 1016 24.82 23.38 2.00
C SER A 1016 23.98 24.63 2.26
N ASN A 1017 23.60 24.88 3.52
CA ASN A 1017 22.85 26.07 3.91
C ASN A 1017 23.74 27.32 3.90
N ASN A 1018 25.06 27.10 4.05
CA ASN A 1018 26.07 28.14 4.00
C ASN A 1018 25.90 29.10 5.18
N TYR A 1019 25.62 28.53 6.35
CA TYR A 1019 25.60 29.27 7.60
C TYR A 1019 27.02 29.34 8.19
N THR A 1020 27.37 30.50 8.72
CA THR A 1020 28.59 30.64 9.49
C THR A 1020 28.45 29.87 10.81
N ARG A 1021 29.56 29.31 11.28
CA ARG A 1021 29.53 28.51 12.49
C ARG A 1021 30.62 28.99 13.45
N ASN A 1022 30.33 28.91 14.74
CA ASN A 1022 31.33 29.13 15.75
C ASN A 1022 32.17 27.87 15.89
N TYR A 1023 33.10 27.88 16.85
CA TYR A 1023 34.07 26.82 17.01
C TYR A 1023 33.39 25.50 17.33
N TYR A 1024 32.33 25.60 18.14
CA TYR A 1024 31.63 24.42 18.63
C TYR A 1024 30.81 23.79 17.51
N GLY A 1025 30.58 24.55 16.42
CA GLY A 1025 29.87 24.01 15.28
C GLY A 1025 28.48 24.63 15.16
N ASP A 1026 28.02 25.28 16.24
CA ASP A 1026 26.72 25.94 16.26
C ASP A 1026 26.73 27.07 15.25
N ILE A 1027 25.55 27.38 14.71
CA ILE A 1027 25.43 28.45 13.72
C ILE A 1027 25.57 29.80 14.42
N LEU A 1028 26.36 30.68 13.82
CA LEU A 1028 26.65 31.96 14.46
C LEU A 1028 25.40 32.86 14.43
N LYS A 1029 25.19 33.62 15.51
CA LYS A 1029 24.00 34.44 15.65
C LYS A 1029 24.37 35.91 15.81
N TYR A 1030 23.51 36.80 15.27
CA TYR A 1030 23.69 38.23 15.43
C TYR A 1030 23.32 38.63 16.86
N ASN A 1031 23.94 39.72 17.33
CA ASN A 1031 23.67 40.28 18.65
C ASN A 1031 23.82 39.18 19.70
N GLU A 1032 24.81 38.33 19.46
CA GLU A 1032 25.27 37.43 20.48
C GLU A 1032 26.78 37.63 20.62
N ASN A 1033 27.20 37.83 21.87
CA ASN A 1033 28.59 38.08 22.19
C ASN A 1033 29.33 36.74 22.22
N TYR A 1034 30.57 36.77 21.74
CA TYR A 1034 31.43 35.60 21.68
C TYR A 1034 32.84 36.06 22.01
N GLN A 1035 33.75 35.12 22.27
CA GLN A 1035 35.16 35.47 22.32
C GLN A 1035 35.80 35.13 20.97
N LEU A 1036 36.67 36.04 20.49
CA LEU A 1036 37.32 35.90 19.20
C LEU A 1036 38.72 35.32 19.39
N TYR A 1037 39.08 34.38 18.50
CA TYR A 1037 40.39 33.76 18.44
C TYR A 1037 40.79 33.63 16.97
N ASN A 1038 42.10 33.47 16.72
CA ASN A 1038 42.59 33.51 15.35
C ASN A 1038 42.73 32.11 14.73
N LYS A 1039 42.36 31.07 15.49
CA LYS A 1039 42.47 29.68 15.03
C LYS A 1039 43.93 29.27 14.98
N THR A 1040 44.82 30.21 15.26
CA THR A 1040 46.25 30.00 15.17
C THR A 1040 46.81 30.10 16.58
N SER A 1041 46.08 30.82 17.43
CA SER A 1041 46.38 30.89 18.86
C SER A 1041 45.12 30.52 19.61
N PRO A 1042 44.81 29.21 19.76
CA PRO A 1042 43.64 28.78 20.52
C PRO A 1042 43.62 29.28 21.96
N ASP A 1043 44.80 29.32 22.58
CA ASP A 1043 44.94 29.69 23.98
C ASP A 1043 44.75 31.19 24.16
N LYS A 1044 45.32 32.02 23.28
CA LYS A 1044 45.33 33.46 23.50
C LYS A 1044 44.13 34.11 22.81
N GLU A 1045 43.42 34.96 23.57
CA GLU A 1045 42.17 35.54 23.12
C GLU A 1045 42.44 36.96 22.62
N VAL A 1046 41.70 37.38 21.57
CA VAL A 1046 41.81 38.74 21.07
C VAL A 1046 41.21 39.67 22.11
N LYS A 1047 42.02 40.63 22.60
CA LYS A 1047 41.60 41.52 23.67
C LYS A 1047 41.77 42.98 23.25
N LYS A 1048 40.78 43.80 23.63
CA LYS A 1048 40.76 45.23 23.40
C LYS A 1048 41.85 45.91 24.24
N VAL A 1049 42.32 47.06 23.76
CA VAL A 1049 43.16 47.97 24.52
C VAL A 1049 42.66 49.40 24.29
N PHE A 1050 42.35 50.15 25.38
CA PHE A 1050 41.63 51.43 25.31
C PHE A 1050 42.39 52.53 26.05
N THR A 1051 42.28 53.77 25.56
CA THR A 1051 42.96 54.95 26.11
C THR A 1051 44.48 54.72 26.07
N ASN A 1052 44.94 54.18 24.93
CA ASN A 1052 46.36 54.05 24.66
C ASN A 1052 46.79 55.17 23.72
N ASP A 1053 45.94 56.21 23.62
CA ASP A 1053 46.12 57.29 22.66
C ASP A 1053 45.94 56.72 21.25
N LYS A 1054 45.46 55.47 21.23
CA LYS A 1054 45.02 54.73 20.06
C LYS A 1054 44.34 53.45 20.56
N ASP A 1055 43.08 53.24 20.20
CA ASP A 1055 42.28 52.14 20.73
C ASP A 1055 42.19 51.05 19.67
N TYR A 1056 42.63 49.83 20.02
CA TYR A 1056 42.67 48.74 19.06
C TYR A 1056 42.46 47.40 19.76
N ILE A 1057 42.49 46.32 18.96
CA ILE A 1057 42.31 44.94 19.41
C ILE A 1057 43.51 44.13 18.96
N ALA A 1058 43.97 43.28 19.86
CA ALA A 1058 45.23 42.57 19.68
C ALA A 1058 45.26 41.39 20.64
N ILE A 1059 46.17 40.46 20.34
CA ILE A 1059 46.37 39.27 21.15
C ILE A 1059 47.50 39.53 22.13
N GLU A 1060 47.20 39.47 23.43
CA GLU A 1060 48.19 39.73 24.47
C GLU A 1060 48.76 38.40 24.98
N TYR A 1061 50.08 38.40 25.23
CA TYR A 1061 50.77 37.27 25.80
C TYR A 1061 50.99 37.52 27.29
N ASN A 1062 51.15 36.43 28.04
CA ASN A 1062 51.36 36.55 29.47
C ASN A 1062 50.16 37.31 30.05
N GLN A 1063 48.97 36.99 29.53
CA GLN A 1063 47.75 37.73 29.84
C GLN A 1063 47.45 37.55 31.32
N ASN A 1064 47.30 36.28 31.74
CA ASN A 1064 47.14 35.89 33.13
C ASN A 1064 45.86 36.44 33.76
N THR A 1065 45.28 37.50 33.16
CA THR A 1065 43.98 38.05 33.55
C THR A 1065 42.95 37.70 32.48
N ASN A 1066 43.40 37.78 31.22
CA ASN A 1066 42.56 37.51 30.05
C ASN A 1066 41.20 38.18 30.28
N ASN A 1067 41.24 39.47 30.63
CA ASN A 1067 40.03 40.24 30.87
C ASN A 1067 39.06 39.94 29.73
N PRO A 1068 37.96 39.20 30.00
CA PRO A 1068 37.12 38.69 28.92
C PRO A 1068 36.67 39.81 27.98
N THR A 1069 37.06 39.71 26.70
CA THR A 1069 36.65 40.66 25.70
C THR A 1069 35.65 39.96 24.76
N PHE A 1070 34.41 40.45 24.75
CA PHE A 1070 33.35 39.78 24.05
C PHE A 1070 32.98 40.59 22.81
N PHE A 1071 32.92 39.91 21.66
CA PHE A 1071 32.61 40.54 20.38
C PHE A 1071 31.27 40.00 19.90
N SER A 1072 30.48 40.84 19.23
CA SER A 1072 29.22 40.41 18.65
C SER A 1072 29.08 41.00 17.26
N LEU A 1073 28.54 40.22 16.32
CA LEU A 1073 28.31 40.72 14.98
C LEU A 1073 26.93 41.38 14.87
N ILE A 1074 26.90 42.45 14.08
CA ILE A 1074 25.72 43.26 13.86
C ILE A 1074 25.76 43.72 12.41
N GLN A 1075 24.58 43.75 11.76
CA GLN A 1075 24.48 44.26 10.40
C GLN A 1075 23.53 45.45 10.35
N LYS A 1076 23.87 46.40 9.46
CA LYS A 1076 23.25 47.71 9.39
C LYS A 1076 21.79 47.58 8.94
N GLU A 1077 21.52 46.60 8.08
CA GLU A 1077 20.19 46.44 7.52
C GLU A 1077 19.74 44.99 7.70
N GLN A 1078 18.43 44.79 7.53
CA GLN A 1078 17.86 43.45 7.45
C GLN A 1078 18.31 42.59 8.63
N SER A 1079 18.36 43.15 9.83
CA SER A 1079 18.90 42.44 10.99
C SER A 1079 18.17 41.09 11.18
N LYS A 1080 18.95 39.99 11.10
CA LYS A 1080 18.43 38.62 11.15
C LYS A 1080 18.82 38.00 12.48
N ILE A 1081 18.57 36.69 12.63
CA ILE A 1081 18.98 36.00 13.83
C ILE A 1081 20.15 35.07 13.53
N TYR A 1082 20.17 34.48 12.33
CA TYR A 1082 21.20 33.53 11.95
C TYR A 1082 22.14 34.14 10.92
N VAL A 1083 23.46 33.97 11.14
CA VAL A 1083 24.45 34.65 10.33
C VAL A 1083 24.82 33.73 9.17
N GLU A 1084 24.44 34.11 7.96
CA GLU A 1084 24.80 33.36 6.77
C GLU A 1084 26.18 33.80 6.29
N GLU A 1085 26.71 33.04 5.32
CA GLU A 1085 27.92 33.38 4.59
C GLU A 1085 27.62 34.49 3.57
N ASN A 1086 28.61 35.37 3.37
CA ASN A 1086 28.59 36.43 2.38
C ASN A 1086 27.58 37.49 2.78
N ASP A 1087 27.73 38.01 4.00
CA ASP A 1087 26.86 39.06 4.49
C ASP A 1087 27.69 40.23 5.00
N GLU A 1088 27.20 41.45 4.80
CA GLU A 1088 27.87 42.65 5.30
C GLU A 1088 27.60 42.78 6.80
N VAL A 1089 28.65 42.77 7.62
CA VAL A 1089 28.51 42.77 9.07
C VAL A 1089 29.57 43.68 9.70
N TYR A 1090 29.25 44.21 10.89
CA TYR A 1090 30.19 45.00 11.69
C TYR A 1090 30.45 44.25 12.98
N ILE A 1091 31.54 44.63 13.67
CA ILE A 1091 31.99 43.91 14.84
C ILE A 1091 31.94 44.82 16.06
N CYS A 1092 31.12 44.46 17.05
CA CYS A 1092 30.93 45.27 18.23
C CYS A 1092 31.73 44.69 19.37
N VAL A 1093 32.65 45.50 19.93
CA VAL A 1093 33.36 45.11 21.13
C VAL A 1093 32.60 45.56 22.37
N GLN A 1094 32.13 44.58 23.15
CA GLN A 1094 31.38 44.85 24.36
C GLN A 1094 32.29 45.58 25.34
N GLY A 1095 31.81 46.74 25.80
CA GLY A 1095 32.54 47.58 26.72
C GLY A 1095 31.60 48.62 27.30
N ASP A 1096 32.07 49.40 28.27
CA ASP A 1096 31.22 50.37 28.95
C ASP A 1096 30.70 51.36 27.90
N PRO A 1097 31.57 51.91 27.01
CA PRO A 1097 31.10 52.72 25.90
C PRO A 1097 30.65 51.92 24.67
N LEU A 1098 30.99 50.62 24.60
CA LEU A 1098 30.47 49.75 23.55
C LEU A 1098 30.96 50.21 22.16
N ASN A 1099 32.28 50.17 22.00
CA ASN A 1099 32.99 50.63 20.79
C ASN A 1099 32.97 49.57 19.69
N TYR A 1100 33.23 50.00 18.43
CA TYR A 1100 33.13 49.15 17.23
C TYR A 1100 34.50 49.09 16.53
N ILE A 1101 34.56 48.36 15.40
CA ILE A 1101 35.81 48.01 14.75
C ILE A 1101 35.86 48.66 13.38
N THR A 1102 36.99 49.33 13.13
CA THR A 1102 37.23 50.09 11.91
C THR A 1102 38.67 49.90 11.45
N ILE A 1103 39.04 50.60 10.39
CA ILE A 1103 40.31 50.42 9.72
C ILE A 1103 41.06 51.75 9.70
N ASP A 1104 42.29 51.74 10.22
CA ASP A 1104 43.16 52.90 10.14
C ASP A 1104 44.54 52.48 9.63
N ASN A 1105 44.81 52.75 8.35
CA ASN A 1105 46.03 52.34 7.67
C ASN A 1105 46.14 50.82 7.72
N ASN A 1106 45.02 50.17 7.40
CA ASN A 1106 44.89 48.70 7.39
C ASN A 1106 44.84 48.12 8.81
N GLN A 1107 45.07 48.89 9.88
CA GLN A 1107 44.98 48.39 11.24
C GLN A 1107 43.50 48.20 11.59
N ALA A 1108 43.22 47.44 12.67
CA ALA A 1108 41.87 47.22 13.15
C ALA A 1108 41.65 47.98 14.46
N VAL A 1109 41.75 49.31 14.41
CA VAL A 1109 41.54 50.13 15.61
C VAL A 1109 40.06 50.13 16.00
N LEU A 1110 39.79 50.48 17.27
CA LEU A 1110 38.45 50.60 17.82
C LEU A 1110 37.97 52.06 17.84
N THR A 1111 37.03 52.36 16.95
CA THR A 1111 36.26 53.61 17.02
C THR A 1111 35.10 53.47 18.00
N LYS A 1112 34.51 54.60 18.37
CA LYS A 1112 33.39 54.63 19.31
C LYS A 1112 32.10 54.96 18.55
N ASP A 1113 32.23 55.47 17.31
CA ASP A 1113 31.11 55.85 16.46
C ASP A 1113 30.84 54.70 15.49
N ILE A 1114 29.56 54.40 15.27
CA ILE A 1114 29.17 53.23 14.50
C ILE A 1114 29.03 53.60 13.02
N ASN A 1115 28.92 54.88 12.71
CA ASN A 1115 28.96 55.27 11.30
C ASN A 1115 30.41 55.21 10.82
N LEU A 1116 31.35 55.13 11.79
CA LEU A 1116 32.77 54.97 11.52
C LEU A 1116 33.18 53.52 11.68
N ALA A 1117 32.30 52.56 11.39
CA ALA A 1117 32.69 51.15 11.42
C ALA A 1117 32.94 50.68 9.99
N THR A 1118 33.57 49.52 9.87
CA THR A 1118 33.92 49.01 8.56
C THR A 1118 33.11 47.75 8.33
N SER A 1119 32.77 47.54 7.04
CA SER A 1119 31.94 46.43 6.61
C SER A 1119 32.81 45.25 6.17
N PHE A 1120 32.54 44.09 6.75
CA PHE A 1120 33.22 42.87 6.40
C PHE A 1120 32.22 41.88 5.81
N LYS A 1121 32.67 41.16 4.77
CA LYS A 1121 31.83 40.18 4.12
C LYS A 1121 32.37 38.83 4.54
N LEU A 1122 31.53 38.07 5.24
CA LEU A 1122 31.94 36.83 5.88
C LEU A 1122 32.04 35.74 4.82
N LYS A 1123 33.20 35.08 4.75
CA LYS A 1123 33.38 33.98 3.82
C LYS A 1123 33.82 32.77 4.62
N THR A 1124 33.26 31.59 4.29
CA THR A 1124 33.57 30.35 4.98
C THR A 1124 34.06 29.33 3.97
N ASN A 1125 34.96 28.47 4.45
CA ASN A 1125 35.55 27.41 3.64
C ASN A 1125 35.22 26.08 4.29
N LEU A 1126 34.88 25.08 3.46
CA LEU A 1126 34.39 23.82 3.98
C LEU A 1126 35.47 23.10 4.77
N ASN A 1127 36.74 23.30 4.39
CA ASN A 1127 37.85 22.58 4.99
C ASN A 1127 37.96 22.95 6.47
N LYS A 1128 37.71 24.22 6.79
CA LYS A 1128 37.70 24.69 8.17
C LYS A 1128 36.31 25.25 8.45
N PRO A 1129 35.31 24.43 8.86
CA PRO A 1129 33.92 24.86 8.88
C PRO A 1129 33.52 25.61 10.13
N ASN A 1130 34.39 25.56 11.16
CA ASN A 1130 34.17 26.31 12.39
C ASN A 1130 35.04 27.56 12.40
N SER A 1131 35.26 28.14 11.21
CA SER A 1131 36.15 29.26 11.05
C SER A 1131 35.54 30.26 10.07
N LEU A 1132 35.88 31.55 10.27
CA LEU A 1132 35.31 32.67 9.55
C LEU A 1132 36.41 33.47 8.89
N ILE A 1133 36.05 34.16 7.81
CA ILE A 1133 36.95 35.07 7.12
C ILE A 1133 36.29 36.45 7.06
N PHE A 1134 36.95 37.47 7.61
CA PHE A 1134 36.43 38.82 7.51
C PHE A 1134 37.09 39.54 6.33
N SER A 1135 36.49 39.42 5.14
CA SER A 1135 37.07 39.95 3.92
C SER A 1135 36.37 41.23 3.49
N GLU A 1136 37.17 42.28 3.21
CA GLU A 1136 36.72 43.48 2.51
C GLU A 1136 37.39 43.52 1.13
N ASN A 1137 36.57 43.58 0.06
CA ASN A 1137 37.04 43.44 -1.31
C ASN A 1137 37.74 42.10 -1.46
N SER A 1138 39.05 42.13 -1.71
CA SER A 1138 39.86 40.92 -1.83
C SER A 1138 40.92 40.86 -0.74
N GLN A 1139 40.75 41.69 0.31
CA GLN A 1139 41.54 41.59 1.51
C GLN A 1139 40.69 40.99 2.64
N ALA A 1140 41.28 40.10 3.41
CA ALA A 1140 40.66 39.59 4.62
C ALA A 1140 41.50 39.95 5.84
N LEU A 1141 40.88 39.87 7.01
CA LEU A 1141 41.60 40.09 8.25
C LEU A 1141 42.66 39.01 8.47
N ARG A 1142 43.75 39.44 9.11
CA ARG A 1142 44.92 38.63 9.34
C ARG A 1142 45.53 39.09 10.67
N LEU A 1143 46.27 38.18 11.30
CA LEU A 1143 47.03 38.49 12.49
C LEU A 1143 48.50 38.80 12.14
N SER A 1144 49.03 39.86 12.77
CA SER A 1144 50.40 40.30 12.55
C SER A 1144 51.40 39.53 13.41
N ASN A 1145 52.70 39.78 13.18
CA ASN A 1145 53.80 39.13 13.87
C ASN A 1145 53.96 39.78 15.23
N ARG A 1146 54.45 39.00 16.20
CA ARG A 1146 54.46 39.43 17.60
C ARG A 1146 55.41 40.61 17.72
N LEU A 1147 55.00 41.64 18.45
CA LEU A 1147 55.79 42.86 18.52
C LEU A 1147 56.16 43.18 19.97
N ASN A 1148 55.16 43.41 20.83
CA ASN A 1148 55.40 43.79 22.21
C ASN A 1148 54.53 42.96 23.15
N ASP A 1149 54.60 41.63 22.96
CA ASP A 1149 53.72 40.68 23.62
C ASP A 1149 52.30 40.87 23.09
N GLU A 1150 52.18 41.50 21.91
CA GLU A 1150 50.90 41.79 21.28
C GLU A 1150 50.99 41.55 19.78
N ASN A 1151 50.06 40.76 19.24
CA ASN A 1151 49.95 40.53 17.79
C ASN A 1151 48.78 41.36 17.27
N TYR A 1152 49.08 42.28 16.36
CA TYR A 1152 48.09 43.24 15.87
C TYR A 1152 47.24 42.58 14.79
N ILE A 1153 46.00 43.06 14.64
CA ILE A 1153 45.10 42.54 13.64
C ILE A 1153 45.03 43.55 12.50
N LEU A 1154 45.27 43.07 11.28
CA LEU A 1154 45.29 43.95 10.12
C LEU A 1154 44.62 43.29 8.91
N LEU A 1155 44.17 44.12 7.97
CA LEU A 1155 43.67 43.67 6.68
C LEU A 1155 44.84 43.41 5.74
N ASP A 1156 44.85 42.22 5.14
CA ASP A 1156 45.85 41.84 4.16
C ASP A 1156 45.15 41.18 2.99
N LEU A 1157 45.72 41.37 1.80
CA LEU A 1157 45.24 40.72 0.59
C LEU A 1157 45.40 39.21 0.74
N VAL A 1158 44.33 38.48 0.44
CA VAL A 1158 44.24 37.08 0.77
C VAL A 1158 45.13 36.28 -0.19
N SER A 1159 46.07 35.52 0.40
CA SER A 1159 46.94 34.63 -0.34
C SER A 1159 46.54 33.18 -0.06
N LYS A 1160 46.24 32.42 -1.14
CA LYS A 1160 45.65 31.09 -1.03
C LYS A 1160 46.64 30.01 -1.48
N LEU A 1161 46.32 28.75 -1.13
CA LEU A 1161 47.12 27.56 -1.46
C LEU A 1161 46.21 26.47 -2.02
N ASP A 1162 46.04 26.49 -3.35
CA ASP A 1162 45.07 25.65 -4.07
C ASP A 1162 43.66 25.93 -3.57
N ASP A 1163 43.20 27.18 -3.75
CA ASP A 1163 41.86 27.65 -3.40
C ASP A 1163 41.68 27.83 -1.89
N GLU A 1164 42.70 27.46 -1.11
CA GLU A 1164 42.61 27.34 0.35
C GLU A 1164 43.61 28.27 0.99
N PRO A 1165 43.19 29.46 1.49
CA PRO A 1165 44.14 30.39 2.11
C PRO A 1165 44.81 29.86 3.38
N LEU A 1166 45.71 30.69 3.93
CA LEU A 1166 46.50 30.38 5.11
C LEU A 1166 45.61 30.30 6.34
N ASN A 1167 46.13 29.68 7.41
CA ASN A 1167 45.37 29.47 8.64
C ASN A 1167 45.06 30.79 9.34
N ILE A 1168 45.82 31.83 8.98
CA ILE A 1168 45.78 33.10 9.67
C ILE A 1168 44.45 33.78 9.42
N PHE A 1169 44.00 33.77 8.15
CA PHE A 1169 42.83 34.54 7.73
C PHE A 1169 41.52 34.02 8.34
N TYR A 1170 41.60 32.83 8.96
CA TYR A 1170 40.46 32.16 9.57
C TYR A 1170 40.37 32.49 11.07
N TRP A 1171 39.15 32.82 11.52
CA TRP A 1171 38.87 33.22 12.89
C TRP A 1171 37.73 32.40 13.46
N GLU A 1172 37.73 32.22 14.79
CA GLU A 1172 36.73 31.40 15.45
C GLU A 1172 36.11 32.20 16.59
N PHE A 1173 34.81 31.92 16.84
CA PHE A 1173 34.07 32.55 17.92
C PHE A 1173 33.70 31.52 18.98
N ILE A 1174 33.76 31.93 20.26
CA ILE A 1174 33.41 31.05 21.37
C ILE A 1174 32.60 31.85 22.40
#